data_4ZUR
#
_entry.id   4ZUR
#
_cell.length_a   44.990
_cell.length_b   120.700
_cell.length_c   64.520
_cell.angle_alpha   90.00
_cell.angle_beta   97.04
_cell.angle_gamma   90.00
#
_symmetry.space_group_name_H-M   'P 1 21 1'
#
loop_
_entity.id
_entity.type
_entity.pdbx_description
1 polymer 'Acetylpolyamine aminohydrolase'
2 non-polymer 'ZINC ION'
3 non-polymer 'POTASSIUM ION'
4 non-polymer 'AMMONIUM ION'
5 non-polymer 7-amino-N-hydroxyheptanamide
6 non-polymer GLYCEROL
7 water water
#
_entity_poly.entity_id   1
_entity_poly.type   'polypeptide(L)'
_entity_poly.pdbx_seq_one_letter_code
;MRVIFSEDHKLRNAKTELYGGELVPPFEAPFRAEWILAAVKEAGFDDVVAPARHGLETVLKVHDAGYLNFLETAWDRWKA
AGYKGEAIATSFPVRRTSPRIPTDIEGQIGYYCNAAETAISPGTWEAALSSMASAIDGADLIAAGHKAAFSLCRPPGHHA
GIDMFGGYCFINNAAVAAQRLLDKGAKKIAILDVDFHHGNGTQDIFYERGDVFFASLHGDPAEAFPHFLGYAEETGKGAG
AGTTANYPMGRGTPYSVWGEALTDSLKRIAAFGAEAIVVSLGVDTFEQDPISFFKLTSPDYITMGRTIAASGVPLLVVME
GGYGVPEIGLNVANVLKGVAG
;
_entity_poly.pdbx_strand_id   A,B
#
loop_
_chem_comp.id
_chem_comp.type
_chem_comp.name
_chem_comp.formula
7XA non-polymer 7-amino-N-hydroxyheptanamide 'C7 H16 N2 O2'
GOL non-polymer GLYCEROL 'C3 H8 O3'
K non-polymer 'POTASSIUM ION' 'K 1'
NH4 non-polymer 'AMMONIUM ION' 'H4 N 1'
ZN non-polymer 'ZINC ION' 'Zn 2'
#
# COMPACT_ATOMS: atom_id res chain seq x y z
N MET A 1 -6.65 -38.24 15.69
N MET A 1 -5.82 -37.73 15.11
CA MET A 1 -6.73 -36.76 15.59
CA MET A 1 -6.62 -36.54 15.51
C MET A 1 -7.70 -36.40 14.47
C MET A 1 -7.50 -36.11 14.37
N ARG A 2 -8.58 -35.45 14.73
CA ARG A 2 -9.54 -35.02 13.74
C ARG A 2 -9.00 -33.89 12.87
N VAL A 3 -9.33 -33.95 11.59
CA VAL A 3 -8.96 -32.97 10.59
C VAL A 3 -10.25 -32.31 10.14
N ILE A 4 -10.33 -31.00 10.29
N ILE A 4 -10.32 -31.00 10.26
CA ILE A 4 -11.49 -30.24 9.83
CA ILE A 4 -11.49 -30.25 9.83
C ILE A 4 -11.11 -29.57 8.52
C ILE A 4 -11.15 -29.52 8.53
N PHE A 5 -11.93 -29.76 7.48
CA PHE A 5 -11.59 -29.28 6.15
C PHE A 5 -12.85 -29.07 5.34
N SER A 6 -12.96 -27.90 4.72
CA SER A 6 -14.05 -27.57 3.84
C SER A 6 -13.66 -27.56 2.37
N GLU A 7 -14.41 -28.26 1.53
CA GLU A 7 -14.23 -28.18 0.09
C GLU A 7 -14.53 -26.78 -0.46
N ASP A 8 -15.17 -25.93 0.35
CA ASP A 8 -15.46 -24.58 -0.10
C ASP A 8 -14.22 -23.68 -0.15
N HIS A 9 -13.06 -24.18 0.28
CA HIS A 9 -11.82 -23.42 0.04
C HIS A 9 -11.71 -23.11 -1.45
N LYS A 10 -12.23 -23.98 -2.31
CA LYS A 10 -12.05 -23.89 -3.74
C LYS A 10 -12.75 -22.69 -4.34
N LEU A 11 -13.68 -22.10 -3.58
CA LEU A 11 -14.35 -20.88 -4.04
C LEU A 11 -13.35 -19.72 -4.14
N ARG A 12 -12.24 -19.79 -3.43
CA ARG A 12 -11.13 -18.89 -3.70
C ARG A 12 -10.21 -19.57 -4.70
N ASN A 13 -10.30 -19.13 -5.95
CA ASN A 13 -9.46 -19.63 -7.01
C ASN A 13 -9.12 -18.41 -7.86
N ALA A 14 -8.40 -17.49 -7.25
CA ALA A 14 -8.01 -16.25 -7.88
C ALA A 14 -7.12 -16.50 -9.09
N LYS A 15 -7.30 -15.66 -10.09
CA LYS A 15 -6.53 -15.78 -11.33
C LYS A 15 -5.16 -15.16 -11.20
N THR A 16 -5.02 -14.10 -10.41
CA THR A 16 -3.83 -13.29 -10.43
C THR A 16 -3.31 -12.92 -9.05
N GLU A 17 -2.00 -12.71 -9.02
CA GLU A 17 -1.25 -12.18 -7.90
C GLU A 17 -0.20 -11.25 -8.50
N LEU A 18 0.01 -10.10 -7.89
CA LEU A 18 1.03 -9.17 -8.34
C LEU A 18 2.34 -9.57 -7.68
N TYR A 19 3.26 -10.12 -8.48
CA TYR A 19 4.53 -10.63 -8.00
C TYR A 19 5.61 -10.19 -8.99
N GLY A 20 6.66 -9.55 -8.49
CA GLY A 20 7.74 -9.11 -9.35
C GLY A 20 7.29 -8.18 -10.46
N GLY A 21 6.25 -7.38 -10.20
CA GLY A 21 5.77 -6.44 -11.19
C GLY A 21 4.92 -7.07 -12.28
N GLU A 22 4.54 -8.34 -12.13
CA GLU A 22 3.73 -9.03 -13.11
C GLU A 22 2.49 -9.59 -12.44
N LEU A 23 1.44 -9.80 -13.21
CA LEU A 23 0.25 -10.49 -12.74
C LEU A 23 0.39 -11.96 -13.12
N VAL A 24 0.66 -12.81 -12.15
CA VAL A 24 0.94 -14.22 -12.35
C VAL A 24 -0.08 -15.05 -11.58
N PRO A 25 -0.16 -16.35 -11.90
CA PRO A 25 -1.07 -17.18 -11.09
C PRO A 25 -0.60 -17.19 -9.63
N PRO A 26 -1.54 -17.16 -8.67
N PRO A 26 -1.54 -17.23 -8.68
CA PRO A 26 -1.16 -17.06 -7.26
CA PRO A 26 -1.14 -17.06 -7.27
C PRO A 26 -0.36 -18.24 -6.73
C PRO A 26 -0.43 -18.24 -6.65
N PHE A 27 0.52 -17.96 -5.77
CA PHE A 27 1.14 -19.02 -5.00
C PHE A 27 0.11 -19.77 -4.14
N GLU A 28 -0.86 -19.05 -3.60
CA GLU A 28 -1.82 -19.61 -2.67
C GLU A 28 -3.03 -20.12 -3.42
N ALA A 29 -2.89 -21.30 -4.02
CA ALA A 29 -3.86 -21.82 -4.97
C ALA A 29 -4.47 -23.13 -4.44
N PRO A 30 -5.62 -23.54 -5.00
CA PRO A 30 -6.34 -24.68 -4.43
C PRO A 30 -5.55 -25.99 -4.38
N PHE A 31 -4.62 -26.18 -5.30
CA PHE A 31 -3.83 -27.42 -5.27
C PHE A 31 -3.12 -27.59 -3.94
N ARG A 32 -2.83 -26.50 -3.21
CA ARG A 32 -2.19 -26.64 -1.90
C ARG A 32 -3.03 -27.48 -0.95
N ALA A 33 -4.32 -27.18 -0.91
CA ALA A 33 -5.19 -27.92 -0.01
C ALA A 33 -5.29 -29.39 -0.46
N GLU A 34 -5.34 -29.62 -1.76
CA GLU A 34 -5.39 -30.97 -2.27
C GLU A 34 -4.16 -31.76 -1.82
N TRP A 35 -2.98 -31.16 -1.97
CA TRP A 35 -1.73 -31.82 -1.59
C TRP A 35 -1.67 -32.11 -0.08
N ILE A 36 -2.05 -31.12 0.72
CA ILE A 36 -1.97 -31.27 2.17
C ILE A 36 -2.95 -32.35 2.64
N LEU A 37 -4.18 -32.30 2.16
CA LEU A 37 -5.19 -33.28 2.55
C LEU A 37 -4.73 -34.68 2.20
N ALA A 38 -4.21 -34.86 0.99
CA ALA A 38 -3.79 -36.18 0.59
C ALA A 38 -2.66 -36.70 1.49
N ALA A 39 -1.74 -35.83 1.87
CA ALA A 39 -0.60 -36.23 2.68
C ALA A 39 -1.02 -36.55 4.09
N VAL A 40 -1.93 -35.78 4.66
CA VAL A 40 -2.34 -36.10 6.03
C VAL A 40 -3.09 -37.42 6.07
N LYS A 41 -3.91 -37.69 5.06
CA LYS A 41 -4.59 -38.99 4.97
C LYS A 41 -3.57 -40.11 4.81
N GLU A 42 -2.55 -39.90 3.97
CA GLU A 42 -1.53 -40.91 3.75
C GLU A 42 -0.79 -41.27 5.04
N ALA A 43 -0.61 -40.26 5.90
CA ALA A 43 0.03 -40.43 7.21
C ALA A 43 -0.90 -41.02 8.27
N GLY A 44 -2.12 -41.36 7.90
CA GLY A 44 -3.04 -42.03 8.79
C GLY A 44 -4.04 -41.12 9.46
N PHE A 45 -4.04 -39.83 9.12
CA PHE A 45 -5.01 -38.89 9.69
C PHE A 45 -6.19 -38.79 8.75
N ASP A 46 -7.02 -39.82 8.79
CA ASP A 46 -8.12 -39.93 7.85
C ASP A 46 -9.48 -39.62 8.46
N ASP A 47 -9.50 -39.15 9.71
CA ASP A 47 -10.75 -38.70 10.32
C ASP A 47 -11.01 -37.25 9.92
N VAL A 48 -11.45 -37.07 8.68
CA VAL A 48 -11.64 -35.77 8.04
C VAL A 48 -13.11 -35.46 8.02
N VAL A 49 -13.46 -34.28 8.53
CA VAL A 49 -14.85 -33.87 8.58
C VAL A 49 -14.96 -32.42 8.11
N ALA A 50 -16.08 -32.12 7.46
CA ALA A 50 -16.39 -30.77 7.08
C ALA A 50 -16.80 -29.97 8.31
N PRO A 51 -16.48 -28.67 8.34
CA PRO A 51 -16.99 -27.85 9.44
C PRO A 51 -18.47 -27.58 9.30
N ALA A 52 -19.14 -27.40 10.43
CA ALA A 52 -20.44 -26.73 10.43
C ALA A 52 -20.22 -25.30 10.01
N ARG A 53 -21.22 -24.68 9.39
CA ARG A 53 -21.11 -23.27 9.08
C ARG A 53 -21.24 -22.44 10.35
N HIS A 54 -20.67 -21.24 10.32
CA HIS A 54 -20.79 -20.31 11.43
C HIS A 54 -21.06 -18.94 10.92
N GLY A 55 -21.81 -18.19 11.71
CA GLY A 55 -22.04 -16.78 11.48
C GLY A 55 -20.89 -15.96 12.03
N LEU A 56 -21.16 -14.68 12.30
CA LEU A 56 -20.10 -13.75 12.59
C LEU A 56 -19.85 -13.49 14.08
N GLU A 57 -20.53 -14.22 14.97
CA GLU A 57 -20.40 -13.96 16.39
C GLU A 57 -18.96 -13.87 16.88
N THR A 58 -18.20 -14.92 16.61
CA THR A 58 -16.87 -14.99 17.14
C THR A 58 -15.96 -14.00 16.42
N VAL A 59 -16.06 -13.96 15.11
CA VAL A 59 -15.12 -13.17 14.31
C VAL A 59 -15.26 -11.67 14.57
N LEU A 60 -16.46 -11.21 14.92
CA LEU A 60 -16.65 -9.81 15.27
C LEU A 60 -15.89 -9.37 16.51
N LYS A 61 -15.37 -10.33 17.29
CA LYS A 61 -14.59 -9.99 18.47
C LYS A 61 -13.10 -9.82 18.18
N VAL A 62 -12.68 -10.17 16.96
CA VAL A 62 -11.29 -9.98 16.55
C VAL A 62 -11.13 -9.09 15.32
N HIS A 63 -12.14 -9.02 14.43
CA HIS A 63 -12.12 -8.12 13.29
C HIS A 63 -13.16 -7.03 13.42
N ASP A 64 -12.81 -5.89 12.86
CA ASP A 64 -13.70 -4.75 12.78
C ASP A 64 -14.92 -5.03 11.88
N ALA A 65 -16.08 -4.55 12.30
CA ALA A 65 -17.32 -4.80 11.58
C ALA A 65 -17.33 -4.16 10.19
N GLY A 66 -16.81 -2.96 10.08
CA GLY A 66 -16.70 -2.29 8.79
C GLY A 66 -15.86 -3.07 7.82
N TYR A 67 -14.75 -3.61 8.31
CA TYR A 67 -13.87 -4.46 7.51
C TYR A 67 -14.62 -5.69 6.99
N LEU A 68 -15.35 -6.38 7.87
CA LEU A 68 -16.05 -7.58 7.45
C LEU A 68 -17.15 -7.22 6.43
N ASN A 69 -17.85 -6.11 6.65
N ASN A 69 -17.81 -6.10 6.65
CA ASN A 69 -18.84 -5.65 5.70
CA ASN A 69 -18.84 -5.63 5.75
C ASN A 69 -18.21 -5.37 4.35
C ASN A 69 -18.27 -5.26 4.38
N PHE A 70 -17.04 -4.73 4.37
CA PHE A 70 -16.33 -4.45 3.16
C PHE A 70 -16.01 -5.74 2.39
N LEU A 71 -15.48 -6.76 3.07
CA LEU A 71 -15.12 -7.98 2.37
C LEU A 71 -16.33 -8.65 1.74
N GLU A 72 -17.46 -8.55 2.41
N GLU A 72 -17.48 -8.55 2.40
CA GLU A 72 -18.67 -9.21 1.95
CA GLU A 72 -18.66 -9.25 1.93
C GLU A 72 -19.11 -8.71 0.59
C GLU A 72 -19.15 -8.70 0.59
N THR A 73 -18.93 -7.41 0.34
CA THR A 73 -19.41 -6.79 -0.89
C THR A 73 -18.32 -6.32 -1.85
N ALA A 74 -17.05 -6.54 -1.52
CA ALA A 74 -15.97 -5.94 -2.29
C ALA A 74 -15.99 -6.38 -3.75
N TRP A 75 -16.14 -7.68 -4.01
CA TRP A 75 -16.13 -8.17 -5.37
C TRP A 75 -17.30 -7.58 -6.15
N ASP A 76 -18.50 -7.63 -5.59
CA ASP A 76 -19.65 -7.09 -6.28
C ASP A 76 -19.45 -5.62 -6.64
N ARG A 77 -18.93 -4.84 -5.70
CA ARG A 77 -18.74 -3.42 -5.95
C ARG A 77 -17.67 -3.16 -7.00
N TRP A 78 -16.60 -3.94 -6.97
CA TRP A 78 -15.52 -3.81 -7.94
C TRP A 78 -16.06 -4.06 -9.36
N LYS A 79 -16.79 -5.16 -9.50
CA LYS A 79 -17.36 -5.52 -10.79
C LYS A 79 -18.35 -4.45 -11.25
N ALA A 80 -19.17 -3.94 -10.32
CA ALA A 80 -20.15 -2.92 -10.66
C ALA A 80 -19.50 -1.61 -11.12
N ALA A 81 -18.29 -1.36 -10.65
CA ALA A 81 -17.56 -0.16 -11.07
C ALA A 81 -16.94 -0.29 -12.46
N GLY A 82 -17.06 -1.47 -13.06
CA GLY A 82 -16.66 -1.64 -14.45
C GLY A 82 -15.23 -2.12 -14.66
N TYR A 83 -14.48 -2.39 -13.60
CA TYR A 83 -13.10 -2.81 -13.76
C TYR A 83 -13.02 -4.22 -14.33
N LYS A 84 -11.97 -4.48 -15.10
CA LYS A 84 -11.88 -5.71 -15.88
C LYS A 84 -11.02 -6.79 -15.23
N GLY A 85 -10.09 -6.41 -14.36
CA GLY A 85 -9.26 -7.36 -13.67
C GLY A 85 -9.86 -7.75 -12.34
N GLU A 86 -9.13 -8.52 -11.56
CA GLU A 86 -9.56 -8.80 -10.20
C GLU A 86 -9.37 -7.56 -9.34
N ALA A 87 -9.89 -7.61 -8.12
CA ALA A 87 -9.92 -6.44 -7.24
C ALA A 87 -8.60 -6.31 -6.49
N ILE A 88 -7.80 -5.33 -6.93
CA ILE A 88 -6.44 -5.10 -6.44
C ILE A 88 -6.31 -3.64 -6.03
N ALA A 89 -5.96 -3.44 -4.76
CA ALA A 89 -5.75 -2.11 -4.19
C ALA A 89 -4.48 -1.48 -4.72
N THR A 90 -4.49 -0.18 -4.89
N THR A 90 -4.55 -0.17 -4.94
CA THR A 90 -3.25 0.48 -5.20
CA THR A 90 -3.43 0.60 -5.49
C THR A 90 -2.91 1.70 -4.33
C THR A 90 -3.17 1.96 -4.82
N SER A 91 -3.90 2.45 -3.88
N SER A 91 -3.91 2.29 -3.77
CA SER A 91 -3.64 3.56 -2.95
CA SER A 91 -3.63 3.50 -3.00
C SER A 91 -3.81 3.12 -1.54
C SER A 91 -3.88 3.23 -1.53
N PHE A 92 -2.94 3.61 -0.67
CA PHE A 92 -2.92 3.16 0.72
C PHE A 92 -2.80 4.31 1.70
N PRO A 93 -3.40 4.16 2.90
CA PRO A 93 -3.25 5.18 3.96
C PRO A 93 -1.93 4.97 4.68
N VAL A 94 -0.88 5.55 4.12
CA VAL A 94 0.48 5.40 4.61
C VAL A 94 0.81 6.60 5.53
N ARG A 95 2.07 7.00 5.61
CA ARG A 95 2.46 8.01 6.56
C ARG A 95 1.68 9.30 6.38
N ARG A 96 1.25 9.89 7.50
CA ARG A 96 0.72 11.25 7.53
C ARG A 96 -0.49 11.43 6.63
N THR A 97 -1.34 10.42 6.60
CA THR A 97 -2.61 10.47 5.88
C THR A 97 -3.78 10.75 6.82
N SER A 98 -4.89 11.17 6.22
CA SER A 98 -6.15 11.25 6.91
C SER A 98 -6.55 9.87 7.42
N PRO A 99 -7.22 9.81 8.58
CA PRO A 99 -7.77 8.55 9.07
C PRO A 99 -9.14 8.23 8.46
N ARG A 100 -9.69 9.12 7.65
CA ARG A 100 -11.05 8.90 7.13
C ARG A 100 -11.15 7.74 6.16
N ILE A 101 -12.33 7.13 6.15
CA ILE A 101 -12.62 6.01 5.29
C ILE A 101 -13.28 6.54 4.03
N PRO A 102 -12.71 6.24 2.86
CA PRO A 102 -13.36 6.64 1.60
C PRO A 102 -14.73 5.98 1.43
N THR A 103 -15.52 6.50 0.50
CA THR A 103 -16.82 5.90 0.26
C THR A 103 -16.85 4.96 -0.94
N ASP A 104 -15.95 5.15 -1.90
CA ASP A 104 -15.98 4.34 -3.09
C ASP A 104 -15.16 3.05 -2.96
N ILE A 105 -15.30 2.17 -3.93
CA ILE A 105 -14.64 0.88 -3.84
C ILE A 105 -13.12 1.03 -4.00
N GLU A 106 -12.69 1.94 -4.88
CA GLU A 106 -11.26 2.10 -5.10
C GLU A 106 -10.55 2.58 -3.82
N GLY A 107 -11.14 3.54 -3.15
CA GLY A 107 -10.61 4.01 -1.91
C GLY A 107 -10.72 3.02 -0.76
N GLN A 108 -11.88 2.36 -0.66
CA GLN A 108 -12.06 1.42 0.41
C GLN A 108 -11.15 0.20 0.30
N ILE A 109 -10.92 -0.30 -0.90
CA ILE A 109 -10.10 -1.50 -1.00
C ILE A 109 -8.68 -1.20 -0.49
N GLY A 110 -8.16 0.01 -0.77
CA GLY A 110 -6.88 0.40 -0.20
C GLY A 110 -6.95 0.64 1.29
N TYR A 111 -8.01 1.25 1.76
CA TYR A 111 -8.16 1.50 3.17
C TYR A 111 -8.07 0.20 3.98
N TYR A 112 -8.68 -0.86 3.44
CA TYR A 112 -8.78 -2.13 4.12
C TYR A 112 -7.72 -3.16 3.71
N CYS A 113 -6.61 -2.70 3.13
CA CYS A 113 -5.58 -3.60 2.63
C CYS A 113 -4.20 -3.20 3.16
N ASN A 114 -3.39 -4.20 3.49
CA ASN A 114 -2.01 -4.00 3.90
C ASN A 114 -1.00 -4.46 2.86
N ALA A 115 -1.46 -5.11 1.80
CA ALA A 115 -0.56 -5.81 0.89
C ALA A 115 -1.30 -6.09 -0.40
N ALA A 116 -0.89 -5.40 -1.46
CA ALA A 116 -1.61 -5.35 -2.72
C ALA A 116 -1.44 -6.57 -3.61
N GLU A 117 -0.52 -7.46 -3.30
CA GLU A 117 -0.36 -8.62 -4.13
C GLU A 117 -1.59 -9.51 -4.09
N THR A 118 -2.41 -9.37 -3.06
CA THR A 118 -3.58 -10.21 -2.85
C THR A 118 -4.80 -9.58 -3.49
N ALA A 119 -5.29 -10.25 -4.53
CA ALA A 119 -6.48 -9.82 -5.26
C ALA A 119 -7.71 -10.43 -4.61
N ILE A 120 -8.79 -9.68 -4.53
CA ILE A 120 -10.11 -10.21 -4.20
C ILE A 120 -10.78 -10.69 -5.50
N SER A 121 -11.31 -11.90 -5.44
CA SER A 121 -11.91 -12.57 -6.58
C SER A 121 -13.30 -13.08 -6.19
N PRO A 122 -14.13 -13.39 -7.17
CA PRO A 122 -15.45 -13.97 -6.84
C PRO A 122 -15.27 -15.27 -6.06
N GLY A 123 -16.03 -15.41 -5.00
CA GLY A 123 -15.93 -16.55 -4.11
C GLY A 123 -14.98 -16.39 -2.95
N THR A 124 -14.16 -15.33 -2.94
CA THR A 124 -13.19 -15.14 -1.87
C THR A 124 -13.86 -15.04 -0.50
N TRP A 125 -14.92 -14.25 -0.37
CA TRP A 125 -15.57 -14.10 0.92
C TRP A 125 -16.13 -15.42 1.41
N GLU A 126 -16.82 -16.12 0.50
N GLU A 126 -16.83 -16.14 0.53
CA GLU A 126 -17.43 -17.40 0.81
CA GLU A 126 -17.41 -17.42 0.93
C GLU A 126 -16.36 -18.42 1.24
C GLU A 126 -16.30 -18.39 1.34
N ALA A 127 -15.22 -18.42 0.55
CA ALA A 127 -14.12 -19.31 0.90
C ALA A 127 -13.53 -18.95 2.29
N ALA A 128 -13.34 -17.66 2.52
CA ALA A 128 -12.81 -17.19 3.78
C ALA A 128 -13.71 -17.59 4.96
N LEU A 129 -15.03 -17.51 4.76
CA LEU A 129 -15.96 -17.93 5.79
C LEU A 129 -15.85 -19.43 6.07
N SER A 130 -15.64 -20.23 5.03
CA SER A 130 -15.50 -21.67 5.23
C SER A 130 -14.23 -22.01 5.98
N SER A 131 -13.17 -21.27 5.70
CA SER A 131 -11.89 -21.48 6.33
C SER A 131 -11.98 -21.09 7.81
N MET A 132 -12.65 -19.98 8.09
N MET A 132 -12.67 -19.99 8.08
CA MET A 132 -12.94 -19.57 9.44
CA MET A 132 -12.92 -19.57 9.45
C MET A 132 -13.71 -20.68 10.17
C MET A 132 -13.78 -20.60 10.21
N ALA A 133 -14.71 -21.23 9.50
CA ALA A 133 -15.53 -22.29 10.10
C ALA A 133 -14.67 -23.50 10.46
N SER A 134 -13.71 -23.88 9.62
CA SER A 134 -12.82 -24.97 9.98
C SER A 134 -12.04 -24.69 11.25
N ALA A 135 -11.57 -23.44 11.40
CA ALA A 135 -10.88 -23.02 12.62
C ALA A 135 -11.79 -23.05 13.85
N ILE A 136 -13.02 -22.57 13.70
CA ILE A 136 -13.97 -22.58 14.81
C ILE A 136 -14.28 -24.00 15.25
N ASP A 137 -14.56 -24.90 14.30
CA ASP A 137 -14.87 -26.27 14.70
C ASP A 137 -13.68 -26.96 15.35
N GLY A 138 -12.46 -26.67 14.88
CA GLY A 138 -11.27 -27.20 15.51
C GLY A 138 -11.16 -26.69 16.93
N ALA A 139 -11.38 -25.40 17.14
CA ALA A 139 -11.35 -24.82 18.47
C ALA A 139 -12.38 -25.51 19.37
N ASP A 140 -13.57 -25.75 18.84
CA ASP A 140 -14.62 -26.38 19.64
C ASP A 140 -14.21 -27.78 20.09
N LEU A 141 -13.46 -28.49 19.26
CA LEU A 141 -12.98 -29.82 19.65
C LEU A 141 -12.02 -29.73 20.84
N ILE A 142 -11.13 -28.75 20.80
CA ILE A 142 -10.22 -28.52 21.91
C ILE A 142 -10.98 -28.11 23.16
N ALA A 143 -11.93 -27.18 23.01
CA ALA A 143 -12.73 -26.75 24.15
C ALA A 143 -13.48 -27.90 24.79
N ALA A 144 -13.88 -28.89 24.00
CA ALA A 144 -14.68 -30.02 24.46
C ALA A 144 -13.79 -31.13 25.01
N GLY A 145 -12.47 -30.97 24.92
CA GLY A 145 -11.56 -31.90 25.58
C GLY A 145 -10.47 -32.58 24.78
N HIS A 146 -10.48 -32.45 23.46
N HIS A 146 -10.49 -32.45 23.46
CA HIS A 146 -9.42 -33.09 22.68
CA HIS A 146 -9.44 -33.05 22.63
C HIS A 146 -8.11 -32.37 22.99
C HIS A 146 -8.11 -32.35 22.92
N LYS A 147 -7.02 -33.12 22.93
CA LYS A 147 -5.70 -32.52 23.10
C LYS A 147 -5.03 -32.08 21.81
N ALA A 148 -5.58 -32.49 20.66
CA ALA A 148 -5.03 -32.07 19.37
C ALA A 148 -6.12 -32.13 18.34
N ALA A 149 -6.07 -31.22 17.37
CA ALA A 149 -6.91 -31.26 16.19
C ALA A 149 -6.20 -30.43 15.13
N PHE A 150 -6.56 -30.65 13.88
CA PHE A 150 -5.99 -29.91 12.74
C PHE A 150 -7.11 -29.28 11.91
N SER A 151 -7.08 -27.96 11.79
CA SER A 151 -7.97 -27.21 10.93
C SER A 151 -7.22 -26.88 9.64
N LEU A 152 -7.60 -27.54 8.56
CA LEU A 152 -6.98 -27.38 7.26
C LEU A 152 -7.59 -26.16 6.59
N CYS A 153 -7.19 -24.99 7.09
CA CYS A 153 -7.65 -23.71 6.63
C CYS A 153 -7.04 -23.34 5.27
N ARG A 154 -7.89 -22.85 4.39
CA ARG A 154 -7.51 -22.20 3.15
C ARG A 154 -8.72 -21.39 2.72
N PRO A 155 -8.57 -20.07 2.50
CA PRO A 155 -7.33 -19.29 2.59
C PRO A 155 -6.77 -19.20 3.98
N PRO A 156 -5.47 -18.92 4.05
CA PRO A 156 -4.80 -18.70 5.35
C PRO A 156 -5.25 -17.39 6.00
N GLY A 157 -4.76 -17.14 7.19
CA GLY A 157 -5.28 -16.08 8.02
C GLY A 157 -4.31 -15.08 8.63
N HIS A 158 -3.04 -15.43 8.83
CA HIS A 158 -2.25 -14.70 9.81
C HIS A 158 -1.82 -13.29 9.43
N HIS A 159 -1.99 -12.87 8.18
CA HIS A 159 -1.70 -11.50 7.78
C HIS A 159 -2.94 -10.58 7.87
N ALA A 160 -4.12 -11.14 8.15
CA ALA A 160 -5.32 -10.35 8.28
C ALA A 160 -5.33 -9.75 9.68
N GLY A 161 -5.26 -8.42 9.74
CA GLY A 161 -5.28 -7.67 10.97
C GLY A 161 -6.69 -7.26 11.33
N ILE A 162 -6.80 -6.35 12.31
CA ILE A 162 -8.13 -5.98 12.80
C ILE A 162 -9.02 -5.57 11.64
N ASP A 163 -8.47 -4.73 10.76
CA ASP A 163 -9.25 -4.16 9.67
C ASP A 163 -8.47 -4.10 8.36
N MET A 164 -7.68 -5.12 8.07
N MET A 164 -7.68 -5.13 8.09
N MET A 164 -7.66 -5.12 8.08
CA MET A 164 -6.98 -5.16 6.80
CA MET A 164 -6.92 -5.23 6.86
CA MET A 164 -6.97 -5.18 6.80
C MET A 164 -6.66 -6.58 6.34
C MET A 164 -6.80 -6.66 6.36
C MET A 164 -6.69 -6.60 6.34
N PHE A 165 -6.82 -6.81 5.03
CA PHE A 165 -6.48 -8.04 4.36
C PHE A 165 -5.14 -7.88 3.66
N GLY A 166 -4.50 -9.01 3.35
CA GLY A 166 -3.23 -9.01 2.65
C GLY A 166 -2.50 -10.31 2.89
N GLY A 167 -1.41 -10.53 2.17
CA GLY A 167 -0.63 -11.73 2.33
C GLY A 167 -1.42 -13.00 2.13
N TYR A 168 -2.40 -12.95 1.25
CA TYR A 168 -3.23 -14.11 0.86
C TYR A 168 -4.33 -14.40 1.90
N CYS A 169 -4.51 -13.50 2.87
CA CYS A 169 -5.38 -13.70 4.01
C CYS A 169 -6.47 -12.67 4.11
N PHE A 170 -7.63 -13.11 4.60
CA PHE A 170 -8.81 -12.26 4.73
C PHE A 170 -9.44 -12.27 6.11
N ILE A 171 -9.61 -13.46 6.67
CA ILE A 171 -10.09 -13.62 8.03
C ILE A 171 -9.00 -14.34 8.80
N ASN A 172 -8.66 -13.81 9.97
CA ASN A 172 -7.58 -14.39 10.74
C ASN A 172 -8.08 -15.61 11.52
N ASN A 173 -7.97 -16.75 10.84
CA ASN A 173 -8.50 -18.02 11.36
C ASN A 173 -7.95 -18.35 12.75
N ALA A 174 -6.65 -18.19 12.94
CA ALA A 174 -6.04 -18.50 14.23
C ALA A 174 -6.57 -17.58 15.30
N ALA A 175 -6.73 -16.29 14.98
CA ALA A 175 -7.28 -15.36 15.98
C ALA A 175 -8.73 -15.73 16.33
N VAL A 176 -9.52 -16.10 15.34
CA VAL A 176 -10.89 -16.53 15.60
C VAL A 176 -10.90 -17.76 16.49
N ALA A 177 -10.02 -18.72 16.21
CA ALA A 177 -9.94 -19.90 17.05
C ALA A 177 -9.58 -19.57 18.49
N ALA A 178 -8.59 -18.71 18.69
CA ALA A 178 -8.22 -18.30 20.04
C ALA A 178 -9.39 -17.65 20.75
N GLN A 179 -10.07 -16.75 20.04
CA GLN A 179 -11.26 -16.12 20.61
C GLN A 179 -12.34 -17.14 20.96
N ARG A 180 -12.54 -18.12 20.09
CA ARG A 180 -13.51 -19.16 20.36
C ARG A 180 -13.18 -19.91 21.66
N LEU A 181 -11.89 -20.19 21.87
CA LEU A 181 -11.48 -20.90 23.07
C LEU A 181 -11.74 -20.06 24.31
N LEU A 182 -11.50 -18.74 24.23
CA LEU A 182 -11.84 -17.84 25.32
C LEU A 182 -13.35 -17.87 25.57
N ASP A 183 -14.13 -17.80 24.51
CA ASP A 183 -15.58 -17.76 24.63
C ASP A 183 -16.13 -19.03 25.26
N LYS A 184 -15.47 -20.16 25.03
CA LYS A 184 -15.87 -21.44 25.58
C LYS A 184 -15.37 -21.62 27.01
N GLY A 185 -14.62 -20.67 27.55
CA GLY A 185 -14.28 -20.71 28.95
C GLY A 185 -12.82 -20.52 29.33
N ALA A 186 -11.91 -20.55 28.37
CA ALA A 186 -10.51 -20.32 28.71
C ALA A 186 -10.32 -18.87 29.13
N LYS A 187 -9.36 -18.64 30.02
CA LYS A 187 -8.99 -17.27 30.39
C LYS A 187 -7.72 -16.81 29.69
N LYS A 188 -6.83 -17.74 29.36
CA LYS A 188 -5.54 -17.44 28.76
C LYS A 188 -5.26 -18.45 27.67
N ILE A 189 -4.92 -17.95 26.47
CA ILE A 189 -4.63 -18.76 25.30
C ILE A 189 -3.36 -18.21 24.66
N ALA A 190 -2.62 -19.05 23.96
CA ALA A 190 -1.48 -18.56 23.18
C ALA A 190 -1.68 -18.95 21.73
N ILE A 191 -1.16 -18.10 20.85
CA ILE A 191 -0.99 -18.42 19.44
C ILE A 191 0.51 -18.46 19.18
N LEU A 192 0.98 -19.57 18.62
CA LEU A 192 2.37 -19.78 18.28
C LEU A 192 2.45 -19.90 16.74
N ASP A 193 3.07 -18.91 16.12
CA ASP A 193 3.05 -18.78 14.65
C ASP A 193 4.43 -19.20 14.13
N VAL A 194 4.47 -20.41 13.56
CA VAL A 194 5.70 -21.02 13.07
C VAL A 194 5.84 -20.93 11.54
N ASP A 195 4.87 -20.30 10.87
CA ASP A 195 5.00 -19.97 9.46
C ASP A 195 6.26 -19.11 9.27
N PHE A 196 6.90 -19.21 8.11
CA PHE A 196 8.08 -18.40 7.81
C PHE A 196 7.84 -16.91 8.00
N HIS A 197 6.66 -16.44 7.67
CA HIS A 197 6.35 -15.01 7.70
C HIS A 197 5.81 -14.60 9.05
N HIS A 198 6.09 -13.38 9.45
CA HIS A 198 5.53 -12.83 10.64
C HIS A 198 4.01 -12.80 10.54
N GLY A 199 3.33 -13.25 11.59
CA GLY A 199 1.88 -13.10 11.66
C GLY A 199 1.46 -11.70 12.11
N ASN A 200 1.69 -10.71 11.25
CA ASN A 200 1.42 -9.34 11.60
C ASN A 200 -0.05 -9.07 11.86
N GLY A 201 -0.94 -9.78 11.15
CA GLY A 201 -2.36 -9.61 11.40
C GLY A 201 -2.73 -10.09 12.78
N THR A 202 -2.21 -11.27 13.17
CA THR A 202 -2.47 -11.81 14.49
C THR A 202 -1.91 -10.90 15.57
N GLN A 203 -0.68 -10.43 15.35
CA GLN A 203 -0.08 -9.55 16.34
C GLN A 203 -0.96 -8.32 16.54
N ASP A 204 -1.40 -7.72 15.43
CA ASP A 204 -2.26 -6.53 15.46
C ASP A 204 -3.52 -6.78 16.28
N ILE A 205 -4.19 -7.90 16.02
CA ILE A 205 -5.44 -8.20 16.71
C ILE A 205 -5.24 -8.26 18.22
N PHE A 206 -4.15 -8.83 18.69
CA PHE A 206 -3.99 -9.03 20.13
C PHE A 206 -2.97 -8.10 20.77
N TYR A 207 -2.48 -7.10 20.06
CA TYR A 207 -1.33 -6.35 20.56
C TYR A 207 -1.62 -5.64 21.89
N GLU A 208 -2.86 -5.17 22.05
CA GLU A 208 -3.29 -4.46 23.26
C GLU A 208 -4.15 -5.34 24.18
N ARG A 209 -4.06 -6.65 23.99
CA ARG A 209 -4.82 -7.61 24.78
C ARG A 209 -3.90 -8.51 25.56
N GLY A 210 -4.29 -8.80 26.80
CA GLY A 210 -3.50 -9.66 27.65
C GLY A 210 -4.04 -11.09 27.84
N ASP A 211 -5.14 -11.41 27.15
CA ASP A 211 -5.76 -12.72 27.22
C ASP A 211 -5.19 -13.73 26.24
N VAL A 212 -4.52 -13.25 25.19
CA VAL A 212 -3.94 -14.10 24.16
C VAL A 212 -2.49 -13.69 23.98
N PHE A 213 -1.58 -14.60 24.31
CA PHE A 213 -0.15 -14.41 24.09
C PHE A 213 0.17 -14.72 22.62
N PHE A 214 0.93 -13.88 21.96
CA PHE A 214 1.29 -14.10 20.57
C PHE A 214 2.79 -14.28 20.45
N ALA A 215 3.23 -15.42 19.95
CA ALA A 215 4.65 -15.68 19.64
C ALA A 215 4.79 -15.99 18.17
N SER A 216 5.81 -15.42 17.54
CA SER A 216 6.08 -15.71 16.14
C SER A 216 7.56 -15.88 15.92
N LEU A 217 7.90 -16.92 15.15
CA LEU A 217 9.24 -17.16 14.62
C LEU A 217 9.16 -16.86 13.14
N HIS A 218 10.08 -16.09 12.56
CA HIS A 218 9.88 -15.66 11.17
C HIS A 218 11.14 -15.07 10.60
N GLY A 219 11.15 -14.97 9.27
CA GLY A 219 12.16 -14.21 8.58
C GLY A 219 12.14 -12.77 9.06
N ASP A 220 13.33 -12.21 9.28
CA ASP A 220 13.49 -10.85 9.74
C ASP A 220 12.73 -9.90 8.83
N PRO A 221 11.83 -9.06 9.40
CA PRO A 221 11.04 -8.18 8.52
C PRO A 221 11.90 -7.15 7.79
N ALA A 222 13.11 -6.89 8.27
CA ALA A 222 14.01 -6.01 7.50
C ALA A 222 14.23 -6.54 6.09
N GLU A 223 14.09 -7.86 5.91
CA GLU A 223 14.31 -8.47 4.59
C GLU A 223 13.29 -9.53 4.19
N ALA A 224 12.10 -9.50 4.77
CA ALA A 224 11.06 -10.46 4.44
C ALA A 224 9.69 -9.84 4.62
N PHE A 225 8.78 -10.22 3.74
CA PHE A 225 7.36 -9.96 3.92
C PHE A 225 6.97 -10.44 5.32
N PRO A 226 6.19 -9.66 6.10
CA PRO A 226 5.40 -8.50 5.69
C PRO A 226 6.09 -7.15 5.79
N HIS A 227 7.38 -7.13 6.09
N HIS A 227 7.37 -7.17 6.18
CA HIS A 227 8.21 -5.92 5.98
CA HIS A 227 8.28 -6.01 6.18
C HIS A 227 8.04 -4.85 7.05
C HIS A 227 8.10 -5.00 7.30
N PHE A 228 6.86 -4.75 7.70
CA PHE A 228 6.56 -3.59 8.53
C PHE A 228 6.08 -3.94 9.91
N LEU A 229 6.36 -5.15 10.36
CA LEU A 229 6.08 -5.58 11.71
C LEU A 229 6.88 -6.85 11.92
N GLY A 230 7.09 -7.23 13.19
CA GLY A 230 7.77 -8.46 13.52
C GLY A 230 9.14 -8.29 14.12
N TYR A 231 9.53 -7.05 14.47
CA TYR A 231 10.80 -6.82 15.14
C TYR A 231 10.73 -7.29 16.60
N ALA A 232 11.88 -7.72 17.12
CA ALA A 232 11.95 -8.25 18.47
C ALA A 232 11.53 -7.22 19.52
N GLU A 233 11.68 -5.93 19.23
CA GLU A 233 11.33 -4.91 20.20
C GLU A 233 9.84 -4.79 20.46
N GLU A 234 8.99 -5.36 19.60
CA GLU A 234 7.55 -5.24 19.75
C GLU A 234 7.07 -6.27 20.77
N THR A 235 6.81 -5.84 21.99
CA THR A 235 6.46 -6.75 23.08
C THR A 235 5.06 -6.55 23.61
N GLY A 236 4.34 -5.57 23.07
CA GLY A 236 2.96 -5.30 23.46
C GLY A 236 2.74 -3.95 24.08
N LYS A 237 1.50 -3.51 24.07
CA LYS A 237 1.14 -2.21 24.63
C LYS A 237 -0.06 -2.37 25.53
N GLY A 238 -0.13 -1.49 26.54
CA GLY A 238 -1.26 -1.46 27.43
C GLY A 238 -1.51 -2.80 28.10
N ALA A 239 -2.74 -3.27 28.03
CA ALA A 239 -3.10 -4.57 28.58
C ALA A 239 -2.35 -5.73 27.94
N GLY A 240 -1.79 -5.48 26.75
CA GLY A 240 -0.97 -6.43 26.03
C GLY A 240 0.50 -6.41 26.38
N ALA A 241 0.89 -5.60 27.35
CA ALA A 241 2.31 -5.50 27.66
C ALA A 241 2.89 -6.88 28.00
N GLY A 242 4.02 -7.19 27.39
CA GLY A 242 4.72 -8.43 27.66
C GLY A 242 4.10 -9.68 27.08
N THR A 243 3.12 -9.56 26.19
CA THR A 243 2.48 -10.76 25.62
C THR A 243 2.53 -10.85 24.10
N THR A 244 3.50 -10.15 23.50
CA THR A 244 3.95 -10.43 22.14
C THR A 244 5.43 -10.76 22.21
N ALA A 245 5.82 -11.83 21.53
CA ALA A 245 7.22 -12.27 21.48
C ALA A 245 7.57 -12.65 20.04
N ASN A 246 8.37 -11.79 19.41
CA ASN A 246 8.84 -12.00 18.05
C ASN A 246 10.28 -12.48 18.03
N TYR A 247 10.52 -13.46 17.16
CA TYR A 247 11.84 -14.08 16.99
C TYR A 247 12.23 -14.00 15.51
N PRO A 248 12.66 -12.82 15.07
CA PRO A 248 13.14 -12.67 13.70
C PRO A 248 14.46 -13.37 13.50
N MET A 249 14.61 -14.04 12.37
CA MET A 249 15.81 -14.80 12.05
C MET A 249 16.21 -14.60 10.59
N GLY A 250 17.47 -14.86 10.30
CA GLY A 250 18.05 -14.50 9.01
C GLY A 250 18.10 -15.57 7.94
N ARG A 251 18.77 -15.24 6.85
CA ARG A 251 18.84 -16.10 5.70
C ARG A 251 19.57 -17.39 6.03
N GLY A 252 19.01 -18.48 5.54
CA GLY A 252 19.61 -19.80 5.72
C GLY A 252 19.38 -20.46 7.05
N THR A 253 18.54 -19.88 7.92
CA THR A 253 18.38 -20.42 9.26
C THR A 253 17.95 -21.89 9.24
N PRO A 254 18.72 -22.77 9.89
CA PRO A 254 18.39 -24.19 9.96
C PRO A 254 17.72 -24.51 11.29
N TYR A 255 17.27 -25.76 11.45
CA TYR A 255 16.54 -26.11 12.65
C TYR A 255 17.39 -25.95 13.91
N SER A 256 18.70 -26.16 13.81
CA SER A 256 19.51 -26.06 15.01
C SER A 256 19.37 -24.68 15.63
N VAL A 257 19.18 -23.64 14.82
CA VAL A 257 18.95 -22.30 15.33
C VAL A 257 17.48 -22.00 15.56
N TRP A 258 16.64 -22.35 14.59
CA TRP A 258 15.21 -22.10 14.68
C TRP A 258 14.62 -22.78 15.90
N GLY A 259 15.04 -24.00 16.17
CA GLY A 259 14.56 -24.73 17.32
C GLY A 259 14.90 -24.09 18.66
N GLU A 260 16.00 -23.33 18.73
CA GLU A 260 16.32 -22.61 19.96
C GLU A 260 15.27 -21.53 20.20
N ALA A 261 14.88 -20.82 19.14
CA ALA A 261 13.80 -19.85 19.26
C ALA A 261 12.49 -20.54 19.66
N LEU A 262 12.22 -21.71 19.09
CA LEU A 262 11.02 -22.46 19.45
C LEU A 262 11.02 -22.74 20.95
N THR A 263 12.12 -23.27 21.47
CA THR A 263 12.24 -23.55 22.91
C THR A 263 11.95 -22.30 23.72
N ASP A 264 12.54 -21.18 23.33
CA ASP A 264 12.33 -19.97 24.10
C ASP A 264 10.87 -19.53 24.05
N SER A 265 10.25 -19.60 22.87
CA SER A 265 8.86 -19.19 22.75
C SER A 265 7.96 -20.03 23.62
N LEU A 266 8.25 -21.34 23.73
CA LEU A 266 7.42 -22.21 24.56
C LEU A 266 7.63 -21.92 26.05
N LYS A 267 8.85 -21.54 26.44
N LYS A 267 8.84 -21.54 26.42
CA LYS A 267 9.09 -21.08 27.80
CA LYS A 267 9.13 -21.13 27.79
C LYS A 267 8.22 -19.86 28.10
C LYS A 267 8.30 -19.91 28.16
N ARG A 268 8.20 -18.89 27.18
N ARG A 268 8.19 -18.96 27.24
CA ARG A 268 7.39 -17.70 27.36
CA ARG A 268 7.40 -17.77 27.50
C ARG A 268 5.91 -18.05 27.51
C ARG A 268 5.90 -18.05 27.53
N ILE A 269 5.44 -18.95 26.66
CA ILE A 269 4.03 -19.34 26.65
C ILE A 269 3.67 -20.03 27.98
N ALA A 270 4.56 -20.89 28.45
CA ALA A 270 4.32 -21.59 29.69
C ALA A 270 4.33 -20.62 30.88
N ALA A 271 5.23 -19.63 30.89
CA ALA A 271 5.28 -18.64 31.96
C ALA A 271 4.00 -17.79 31.95
N PHE A 272 3.45 -17.53 30.78
CA PHE A 272 2.17 -16.82 30.62
C PHE A 272 0.98 -17.63 31.13
N GLY A 273 1.08 -18.95 31.09
CA GLY A 273 0.03 -19.82 31.59
C GLY A 273 -1.07 -20.09 30.58
N ALA A 274 -0.71 -20.25 29.32
CA ALA A 274 -1.69 -20.60 28.31
C ALA A 274 -2.39 -21.93 28.64
N GLU A 275 -3.70 -21.93 28.47
CA GLU A 275 -4.51 -23.13 28.68
C GLU A 275 -4.57 -24.04 27.45
N ALA A 276 -4.22 -23.47 26.28
CA ALA A 276 -4.15 -24.19 25.03
C ALA A 276 -3.33 -23.32 24.11
N ILE A 277 -2.77 -23.94 23.08
CA ILE A 277 -1.99 -23.23 22.09
C ILE A 277 -2.61 -23.46 20.74
N VAL A 278 -2.89 -22.37 20.04
CA VAL A 278 -3.27 -22.41 18.63
C VAL A 278 -1.98 -22.24 17.82
N VAL A 279 -1.62 -23.25 17.04
CA VAL A 279 -0.39 -23.20 16.26
C VAL A 279 -0.74 -22.73 14.85
N SER A 280 -0.24 -21.56 14.47
CA SER A 280 -0.34 -21.09 13.09
C SER A 280 0.78 -21.76 12.31
N LEU A 281 0.42 -22.84 11.64
CA LEU A 281 1.38 -23.71 10.96
C LEU A 281 1.51 -23.35 9.50
N GLY A 282 2.59 -22.68 9.15
CA GLY A 282 3.02 -22.62 7.78
C GLY A 282 4.24 -23.49 7.61
N VAL A 283 4.35 -24.18 6.48
CA VAL A 283 5.53 -25.00 6.18
C VAL A 283 6.39 -24.34 5.10
N ASP A 284 6.24 -23.02 4.98
CA ASP A 284 7.12 -22.23 4.13
C ASP A 284 8.49 -21.99 4.75
N THR A 285 8.75 -22.56 5.94
CA THR A 285 10.08 -22.64 6.52
C THR A 285 10.96 -23.71 5.84
N PHE A 286 10.37 -24.50 4.93
CA PHE A 286 11.06 -25.60 4.29
C PHE A 286 12.16 -25.12 3.39
N GLU A 287 13.23 -25.91 3.33
CA GLU A 287 14.42 -25.57 2.55
C GLU A 287 14.15 -25.39 1.05
N GLN A 288 13.05 -25.96 0.54
N GLN A 288 13.06 -25.94 0.52
CA GLN A 288 12.70 -25.81 -0.88
CA GLN A 288 12.72 -25.76 -0.89
C GLN A 288 11.61 -24.73 -1.12
C GLN A 288 11.49 -24.86 -1.09
N ASP A 289 11.11 -24.09 -0.08
CA ASP A 289 9.97 -23.19 -0.29
C ASP A 289 10.34 -22.08 -1.28
N PRO A 290 9.50 -21.82 -2.29
CA PRO A 290 9.93 -20.89 -3.37
C PRO A 290 10.00 -19.43 -2.96
N ILE A 291 9.41 -19.02 -1.85
CA ILE A 291 9.37 -17.59 -1.52
C ILE A 291 10.03 -17.27 -0.20
N SER A 292 10.77 -18.23 0.37
CA SER A 292 11.21 -18.13 1.78
C SER A 292 12.66 -18.56 1.91
N PHE A 293 13.32 -18.17 3.00
CA PHE A 293 14.76 -18.34 3.14
C PHE A 293 15.25 -19.13 4.36
N PHE A 294 14.39 -19.93 4.98
CA PHE A 294 14.83 -20.86 6.00
C PHE A 294 15.12 -22.23 5.40
N LYS A 295 15.75 -23.08 6.22
CA LYS A 295 16.31 -24.34 5.73
C LYS A 295 15.89 -25.53 6.60
N LEU A 296 14.62 -25.57 6.97
CA LEU A 296 14.12 -26.74 7.66
C LEU A 296 13.98 -27.91 6.70
N THR A 297 14.24 -29.11 7.20
CA THR A 297 14.11 -30.33 6.42
C THR A 297 12.79 -31.03 6.78
N SER A 298 12.37 -31.99 5.98
CA SER A 298 11.11 -32.67 6.28
C SER A 298 11.13 -33.34 7.68
N PRO A 299 12.23 -34.02 8.06
CA PRO A 299 12.23 -34.62 9.40
C PRO A 299 12.10 -33.58 10.52
N ASP A 300 12.56 -32.35 10.30
CA ASP A 300 12.47 -31.34 11.35
C ASP A 300 11.02 -31.06 11.78
N TYR A 301 10.06 -31.26 10.88
CA TYR A 301 8.68 -31.00 11.23
C TYR A 301 8.16 -31.97 12.27
N ILE A 302 8.65 -33.21 12.28
CA ILE A 302 8.28 -34.16 13.30
C ILE A 302 8.79 -33.62 14.65
N THR A 303 10.06 -33.21 14.68
CA THR A 303 10.66 -32.67 15.90
C THR A 303 9.85 -31.48 16.40
N MET A 304 9.48 -30.60 15.49
CA MET A 304 8.70 -29.41 15.82
C MET A 304 7.38 -29.77 16.48
N GLY A 305 6.61 -30.67 15.88
CA GLY A 305 5.33 -31.06 16.45
C GLY A 305 5.48 -31.70 17.82
N ARG A 306 6.50 -32.54 17.98
N ARG A 306 6.49 -32.55 17.98
CA ARG A 306 6.72 -33.22 19.24
CA ARG A 306 6.73 -33.22 19.24
C ARG A 306 7.09 -32.19 20.33
C ARG A 306 7.05 -32.17 20.32
N THR A 307 7.93 -31.23 20.00
CA THR A 307 8.34 -30.24 20.96
C THR A 307 7.17 -29.37 21.39
N ILE A 308 6.35 -28.93 20.43
CA ILE A 308 5.22 -28.08 20.78
C ILE A 308 4.25 -28.87 21.66
N ALA A 309 3.99 -30.12 21.32
CA ALA A 309 3.05 -30.92 22.10
C ALA A 309 3.56 -31.29 23.51
N ALA A 310 4.88 -31.23 23.69
N ALA A 310 4.87 -31.24 23.72
CA ALA A 310 5.52 -31.54 24.97
CA ALA A 310 5.48 -31.87 24.91
C ALA A 310 5.29 -30.41 25.97
C ALA A 310 4.88 -31.50 26.27
N SER A 311 4.70 -29.30 25.51
N SER A 311 4.38 -30.28 26.40
CA SER A 311 4.15 -28.32 26.42
CA SER A 311 3.97 -29.78 27.70
C SER A 311 3.14 -28.91 27.39
C SER A 311 2.65 -30.43 28.14
N GLY A 312 2.50 -29.98 26.95
N GLY A 312 1.88 -30.88 27.16
CA GLY A 312 1.52 -30.67 27.76
CA GLY A 312 0.59 -31.49 27.45
C GLY A 312 0.17 -29.96 27.85
C GLY A 312 -0.57 -30.53 27.27
N VAL A 313 -0.06 -28.97 27.00
N VAL A 313 -0.29 -29.24 27.08
CA VAL A 313 -1.37 -28.35 26.87
CA VAL A 313 -1.36 -28.29 26.86
C VAL A 313 -1.98 -28.66 25.51
C VAL A 313 -1.97 -28.58 25.49
N PRO A 314 -3.31 -28.55 25.39
CA PRO A 314 -3.94 -28.90 24.13
C PRO A 314 -3.54 -27.98 22.97
N LEU A 315 -3.48 -28.57 21.77
CA LEU A 315 -3.08 -27.86 20.56
C LEU A 315 -4.16 -27.88 19.52
N LEU A 316 -4.43 -26.69 18.94
CA LEU A 316 -5.14 -26.66 17.67
C LEU A 316 -4.16 -26.22 16.61
N VAL A 317 -3.93 -27.05 15.61
CA VAL A 317 -3.05 -26.69 14.51
C VAL A 317 -3.90 -26.08 13.41
N VAL A 318 -3.54 -24.88 12.98
CA VAL A 318 -4.29 -24.11 11.99
C VAL A 318 -3.39 -23.86 10.78
N MET A 319 -3.80 -24.29 9.60
CA MET A 319 -2.97 -24.17 8.41
C MET A 319 -2.81 -22.71 8.00
N GLU A 320 -1.57 -22.36 7.66
CA GLU A 320 -1.21 -21.04 7.10
C GLU A 320 -0.53 -21.31 5.72
N GLY A 321 0.71 -20.88 5.54
CA GLY A 321 1.40 -20.93 4.26
C GLY A 321 2.24 -22.18 4.02
N GLY A 322 3.08 -22.11 2.99
CA GLY A 322 3.85 -23.26 2.47
C GLY A 322 3.45 -23.55 1.04
N TYR A 323 4.40 -23.42 0.11
CA TYR A 323 4.09 -23.28 -1.31
C TYR A 323 4.90 -24.21 -2.22
N GLY A 324 4.41 -24.36 -3.45
CA GLY A 324 5.26 -24.77 -4.54
C GLY A 324 5.43 -26.23 -4.79
N VAL A 325 6.01 -26.91 -3.81
N VAL A 325 5.68 -27.02 -3.77
CA VAL A 325 6.62 -28.24 -3.92
CA VAL A 325 5.83 -28.46 -3.95
C VAL A 325 5.75 -29.33 -3.29
C VAL A 325 4.81 -29.25 -3.13
N PRO A 326 5.86 -30.57 -3.77
N PRO A 326 4.40 -30.44 -3.63
CA PRO A 326 4.97 -31.62 -3.27
CA PRO A 326 3.48 -31.28 -2.85
C PRO A 326 5.09 -31.86 -1.77
C PRO A 326 4.03 -31.70 -1.49
N GLU A 327 6.23 -31.51 -1.21
N GLU A 327 5.35 -31.64 -1.33
CA GLU A 327 6.49 -31.80 0.19
CA GLU A 327 5.99 -31.95 -0.03
C GLU A 327 5.70 -30.90 1.16
C GLU A 327 5.52 -31.04 1.06
N ILE A 328 4.91 -29.91 0.69
CA ILE A 328 4.13 -29.16 1.69
C ILE A 328 3.22 -30.11 2.49
N GLY A 329 2.69 -31.13 1.82
CA GLY A 329 1.82 -32.08 2.50
C GLY A 329 2.57 -32.95 3.50
N LEU A 330 3.65 -33.57 3.05
CA LEU A 330 4.52 -34.33 3.92
C LEU A 330 4.92 -33.51 5.15
N ASN A 331 5.28 -32.25 4.93
CA ASN A 331 5.75 -31.43 6.03
C ASN A 331 4.65 -31.17 7.04
N VAL A 332 3.46 -30.84 6.58
CA VAL A 332 2.33 -30.69 7.48
C VAL A 332 2.05 -31.99 8.23
N ALA A 333 1.94 -33.09 7.48
CA ALA A 333 1.67 -34.37 8.11
C ALA A 333 2.71 -34.71 9.17
N ASN A 334 3.96 -34.35 8.93
CA ASN A 334 5.04 -34.62 9.88
C ASN A 334 4.86 -33.85 11.18
N VAL A 335 4.38 -32.60 11.12
CA VAL A 335 4.08 -31.89 12.35
C VAL A 335 3.02 -32.68 13.11
N LEU A 336 1.97 -33.12 12.42
CA LEU A 336 0.89 -33.87 13.10
C LEU A 336 1.41 -35.19 13.69
N LYS A 337 2.33 -35.86 12.98
CA LYS A 337 2.94 -37.07 13.52
C LYS A 337 3.69 -36.76 14.80
N GLY A 338 4.40 -35.63 14.85
CA GLY A 338 5.11 -35.25 16.07
C GLY A 338 4.16 -34.96 17.21
N VAL A 339 3.05 -34.31 16.92
CA VAL A 339 2.03 -34.04 17.92
C VAL A 339 1.41 -35.34 18.45
N ALA A 340 1.09 -36.27 17.54
CA ALA A 340 0.35 -37.49 17.89
C ALA A 340 1.19 -38.61 18.47
N GLY A 341 2.49 -38.55 18.26
CA GLY A 341 3.39 -39.62 18.65
C GLY A 341 3.68 -39.74 20.13
N MET B 1 5.13 33.68 -22.62
N MET B 1 6.20 34.70 -23.22
CA MET B 1 6.21 33.55 -21.60
CA MET B 1 6.50 33.92 -21.98
C MET B 1 7.15 32.43 -22.02
C MET B 1 7.41 32.73 -22.34
N ARG B 2 8.35 32.43 -21.47
CA ARG B 2 9.29 31.37 -21.72
C ARG B 2 8.74 30.02 -21.26
N VAL B 3 9.01 29.00 -22.06
CA VAL B 3 8.64 27.62 -21.79
C VAL B 3 9.92 26.84 -21.57
N ILE B 4 10.02 26.18 -20.42
N ILE B 4 10.02 26.16 -20.42
CA ILE B 4 11.19 25.39 -20.08
CA ILE B 4 11.20 25.38 -20.09
C ILE B 4 10.80 23.92 -20.25
C ILE B 4 10.85 23.90 -20.19
N PHE B 5 11.57 23.16 -21.03
CA PHE B 5 11.20 21.79 -21.36
C PHE B 5 12.42 20.98 -21.67
N SER B 6 12.52 19.79 -21.09
CA SER B 6 13.60 18.86 -21.35
C SER B 6 13.16 17.64 -22.14
N GLU B 7 13.87 17.34 -23.22
CA GLU B 7 13.64 16.12 -23.97
C GLU B 7 13.95 14.87 -23.17
N ASP B 8 14.64 15.02 -22.05
CA ASP B 8 14.92 13.88 -21.18
C ASP B 8 13.71 13.35 -20.43
N HIS B 9 12.55 14.00 -20.57
CA HIS B 9 11.34 13.39 -20.04
C HIS B 9 11.15 12.01 -20.62
N LYS B 10 11.57 11.80 -21.86
CA LYS B 10 11.28 10.54 -22.54
C LYS B 10 12.05 9.35 -21.95
N LEU B 11 13.03 9.62 -21.08
CA LEU B 11 13.68 8.53 -20.36
C LEU B 11 12.71 7.82 -19.44
N ARG B 12 11.61 8.47 -19.03
CA ARG B 12 10.54 7.74 -18.39
C ARG B 12 9.55 7.34 -19.47
N ASN B 13 9.59 6.05 -19.80
CA ASN B 13 8.71 5.44 -20.76
C ASN B 13 8.32 4.07 -20.23
N ALA B 14 7.63 4.06 -19.11
CA ALA B 14 7.19 2.85 -18.46
C ALA B 14 6.21 2.10 -19.34
N LYS B 15 6.25 0.79 -19.24
CA LYS B 15 5.39 -0.06 -20.04
C LYS B 15 4.07 -0.38 -19.37
N THR B 16 4.03 -0.31 -18.04
CA THR B 16 2.89 -0.78 -17.27
C THR B 16 2.43 0.17 -16.18
N GLU B 17 1.12 0.12 -15.97
CA GLU B 17 0.44 0.81 -14.88
C GLU B 17 -0.64 -0.15 -14.39
N LEU B 18 -0.77 -0.30 -13.08
CA LEU B 18 -1.81 -1.14 -12.53
C LEU B 18 -3.10 -0.33 -12.44
N TYR B 19 -4.07 -0.69 -13.28
CA TYR B 19 -5.34 0.03 -13.38
C TYR B 19 -6.44 -1.01 -13.48
N GLY B 20 -7.42 -0.97 -12.60
CA GLY B 20 -8.54 -1.90 -12.69
C GLY B 20 -8.14 -3.34 -12.59
N GLY B 21 -7.07 -3.62 -11.83
CA GLY B 21 -6.62 -4.99 -11.66
C GLY B 21 -5.87 -5.57 -12.85
N GLU B 22 -5.47 -4.71 -13.78
CA GLU B 22 -4.71 -5.13 -14.95
C GLU B 22 -3.47 -4.27 -15.08
N LEU B 23 -2.48 -4.79 -15.80
CA LEU B 23 -1.32 -4.01 -16.16
C LEU B 23 -1.54 -3.50 -17.57
N VAL B 24 -1.70 -2.19 -17.68
CA VAL B 24 -2.06 -1.52 -18.92
C VAL B 24 -1.00 -0.47 -19.28
N PRO B 25 -1.01 0.05 -20.51
N PRO B 25 -0.99 0.01 -20.52
CA PRO B 25 -0.03 1.10 -20.79
CA PRO B 25 -0.09 1.11 -20.87
C PRO B 25 -0.33 2.36 -19.97
C PRO B 25 -0.39 2.31 -19.97
N PRO B 26 0.67 2.97 -19.36
N PRO B 26 0.63 3.02 -19.52
CA PRO B 26 0.44 4.14 -18.50
CA PRO B 26 0.37 4.10 -18.56
C PRO B 26 -0.29 5.30 -19.17
C PRO B 26 -0.35 5.28 -19.21
N PHE B 27 -1.19 5.93 -18.42
CA PHE B 27 -1.79 7.18 -18.86
C PHE B 27 -0.74 8.29 -18.99
N GLU B 28 0.23 8.30 -18.10
CA GLU B 28 1.24 9.37 -18.04
C GLU B 28 2.38 9.01 -18.97
N ALA B 29 2.14 9.16 -20.26
CA ALA B 29 3.01 8.66 -21.32
C ALA B 29 3.75 9.81 -22.01
N PRO B 30 4.89 9.50 -22.65
CA PRO B 30 5.69 10.57 -23.27
C PRO B 30 4.93 11.40 -24.30
N PHE B 31 3.99 10.79 -25.01
CA PHE B 31 3.24 11.55 -26.01
C PHE B 31 2.48 12.74 -25.43
N ARG B 32 2.21 12.72 -24.13
CA ARG B 32 1.58 13.87 -23.47
C ARG B 32 2.41 15.12 -23.67
N ALA B 33 3.71 15.02 -23.42
CA ALA B 33 4.59 16.17 -23.53
C ALA B 33 4.64 16.67 -24.96
N GLU B 34 4.64 15.75 -25.90
CA GLU B 34 4.62 16.09 -27.31
C GLU B 34 3.36 16.89 -27.67
N TRP B 35 2.20 16.42 -27.22
CA TRP B 35 0.94 17.10 -27.48
C TRP B 35 0.92 18.50 -26.87
N ILE B 36 1.40 18.62 -25.65
CA ILE B 36 1.38 19.91 -24.96
C ILE B 36 2.36 20.88 -25.63
N LEU B 37 3.59 20.42 -25.89
CA LEU B 37 4.58 21.29 -26.51
C LEU B 37 4.08 21.81 -27.86
N ALA B 38 3.52 20.92 -28.66
CA ALA B 38 3.04 21.34 -29.97
C ALA B 38 1.93 22.39 -29.86
N ALA B 39 1.00 22.21 -28.91
CA ALA B 39 -0.11 23.13 -28.74
C ALA B 39 0.34 24.49 -28.21
N VAL B 40 1.29 24.50 -27.29
CA VAL B 40 1.75 25.78 -26.76
C VAL B 40 2.48 26.57 -27.85
N LYS B 41 3.27 25.87 -28.68
CA LYS B 41 3.92 26.53 -29.80
C LYS B 41 2.87 27.05 -30.77
N GLU B 42 1.85 26.26 -31.06
CA GLU B 42 0.80 26.68 -31.99
C GLU B 42 0.12 27.96 -31.51
N ALA B 43 -0.01 28.10 -30.19
CA ALA B 43 -0.63 29.28 -29.56
C ALA B 43 0.31 30.46 -29.47
N GLY B 44 1.52 30.33 -30.01
CA GLY B 44 2.47 31.44 -30.06
C GLY B 44 3.53 31.43 -28.97
N PHE B 45 3.56 30.41 -28.11
CA PHE B 45 4.55 30.32 -27.06
C PHE B 45 5.70 29.46 -27.59
N ASP B 46 6.52 30.05 -28.43
CA ASP B 46 7.60 29.31 -29.04
C ASP B 46 8.99 29.64 -28.49
N ASP B 47 9.06 30.40 -27.40
CA ASP B 47 10.32 30.65 -26.70
C ASP B 47 10.59 29.46 -25.76
N VAL B 48 10.99 28.35 -26.34
CA VAL B 48 11.18 27.09 -25.64
C VAL B 48 12.65 26.85 -25.44
N VAL B 49 13.04 26.58 -24.21
CA VAL B 49 14.43 26.34 -23.88
C VAL B 49 14.56 25.12 -23.00
N ALA B 50 15.67 24.41 -23.13
CA ALA B 50 15.97 23.31 -22.23
C ALA B 50 16.44 23.86 -20.89
N PRO B 51 16.15 23.15 -19.81
CA PRO B 51 16.73 23.58 -18.54
C PRO B 51 18.21 23.29 -18.44
N ALA B 52 18.91 24.12 -17.69
CA ALA B 52 20.21 23.74 -17.17
C ALA B 52 20.01 22.58 -16.22
N ARG B 53 21.02 21.71 -16.12
CA ARG B 53 20.93 20.65 -15.13
C ARG B 53 21.12 21.22 -13.72
N HIS B 54 20.57 20.53 -12.73
CA HIS B 54 20.75 20.90 -11.34
C HIS B 54 21.04 19.72 -10.47
N GLY B 55 21.84 19.95 -9.42
CA GLY B 55 22.08 18.96 -8.40
C GLY B 55 20.97 18.96 -7.38
N LEU B 56 21.27 18.45 -6.20
CA LEU B 56 20.23 18.18 -5.22
C LEU B 56 20.05 19.26 -4.15
N GLU B 57 20.75 20.39 -4.29
N GLU B 57 20.75 20.38 -4.27
CA GLU B 57 20.69 21.46 -3.30
CA GLU B 57 20.67 21.38 -3.22
C GLU B 57 19.27 21.81 -2.87
C GLU B 57 19.24 21.78 -2.85
N THR B 58 18.46 22.20 -3.84
CA THR B 58 17.13 22.69 -3.57
C THR B 58 16.22 21.56 -3.12
N VAL B 59 16.26 20.45 -3.84
CA VAL B 59 15.32 19.37 -3.59
C VAL B 59 15.52 18.72 -2.21
N LEU B 60 16.74 18.74 -1.67
CA LEU B 60 16.97 18.20 -0.32
C LEU B 60 16.27 19.00 0.78
N LYS B 61 15.76 20.18 0.43
CA LYS B 61 15.04 20.99 1.39
C LYS B 61 13.55 20.67 1.42
N VAL B 62 13.08 19.88 0.47
CA VAL B 62 11.68 19.47 0.44
C VAL B 62 11.49 17.94 0.48
N HIS B 63 12.46 17.16 0.02
CA HIS B 63 12.39 15.71 0.08
C HIS B 63 13.44 15.17 1.02
N ASP B 64 13.10 14.06 1.65
CA ASP B 64 14.00 13.32 2.51
C ASP B 64 15.18 12.73 1.72
N ALA B 65 16.37 12.78 2.32
CA ALA B 65 17.56 12.30 1.66
C ALA B 65 17.52 10.80 1.40
N GLY B 66 17.03 10.01 2.35
CA GLY B 66 16.91 8.58 2.13
C GLY B 66 15.98 8.24 0.99
N TYR B 67 14.88 8.97 0.88
CA TYR B 67 13.96 8.82 -0.25
C TYR B 67 14.65 9.08 -1.58
N LEU B 68 15.40 10.18 -1.67
CA LEU B 68 16.08 10.48 -2.93
C LEU B 68 17.13 9.41 -3.25
N ASN B 69 17.81 8.94 -2.22
N ASN B 69 17.86 8.94 -2.24
CA ASN B 69 18.82 7.90 -2.38
CA ASN B 69 18.83 7.87 -2.44
C ASN B 69 18.20 6.58 -2.85
C ASN B 69 18.16 6.60 -2.94
N PHE B 70 17.00 6.30 -2.38
CA PHE B 70 16.23 5.15 -2.79
C PHE B 70 15.85 5.27 -4.28
N LEU B 71 15.35 6.43 -4.72
CA LEU B 71 14.93 6.56 -6.11
C LEU B 71 16.08 6.37 -7.07
N GLU B 72 17.25 6.83 -6.64
CA GLU B 72 18.43 6.79 -7.50
C GLU B 72 18.82 5.37 -7.87
N THR B 73 18.62 4.43 -6.96
CA THR B 73 19.07 3.05 -7.17
C THR B 73 17.94 2.03 -7.31
N ALA B 74 16.67 2.46 -7.22
CA ALA B 74 15.57 1.52 -7.14
C ALA B 74 15.53 0.55 -8.31
N TRP B 75 15.62 1.07 -9.52
CA TRP B 75 15.52 0.23 -10.69
C TRP B 75 16.65 -0.79 -10.71
N ASP B 76 17.88 -0.32 -10.52
CA ASP B 76 19.01 -1.24 -10.50
C ASP B 76 18.84 -2.36 -9.47
N ARG B 77 18.37 -2.01 -8.28
CA ARG B 77 18.19 -2.99 -7.22
C ARG B 77 17.06 -3.96 -7.54
N TRP B 78 15.99 -3.46 -8.15
CA TRP B 78 14.87 -4.31 -8.53
C TRP B 78 15.33 -5.36 -9.54
N LYS B 79 16.04 -4.89 -10.56
CA LYS B 79 16.53 -5.76 -11.61
C LYS B 79 17.52 -6.79 -11.04
N ALA B 80 18.40 -6.34 -10.15
CA ALA B 80 19.41 -7.22 -9.55
C ALA B 80 18.75 -8.30 -8.71
N ALA B 81 17.56 -8.02 -8.18
CA ALA B 81 16.86 -8.99 -7.36
C ALA B 81 16.17 -10.06 -8.19
N GLY B 82 16.20 -9.92 -9.50
CA GLY B 82 15.71 -10.95 -10.39
C GLY B 82 14.28 -10.81 -10.86
N TYR B 83 13.58 -9.74 -10.46
CA TYR B 83 12.19 -9.60 -10.85
C TYR B 83 12.06 -9.28 -12.33
N LYS B 84 10.97 -9.76 -12.93
CA LYS B 84 10.82 -9.72 -14.39
C LYS B 84 10.00 -8.54 -14.90
N GLY B 85 9.13 -8.00 -14.06
CA GLY B 85 8.33 -6.85 -14.42
C GLY B 85 9.00 -5.55 -14.04
N GLU B 86 8.26 -4.47 -14.22
CA GLU B 86 8.72 -3.18 -13.72
C GLU B 86 8.57 -3.15 -12.20
N ALA B 87 9.14 -2.13 -11.56
CA ALA B 87 9.24 -2.10 -10.11
C ALA B 87 7.98 -1.49 -9.51
N ILE B 88 7.16 -2.36 -8.92
CA ILE B 88 5.85 -2.03 -8.39
C ILE B 88 5.77 -2.49 -6.95
N ALA B 89 5.49 -1.56 -6.05
CA ALA B 89 5.34 -1.85 -4.63
C ALA B 89 4.05 -2.58 -4.36
N THR B 90 4.12 -3.51 -3.41
N THR B 90 4.07 -3.47 -3.38
CA THR B 90 2.96 -4.31 -3.00
CA THR B 90 2.80 -4.05 -2.91
C THR B 90 2.72 -4.42 -1.50
C THR B 90 2.56 -4.05 -1.41
N SER B 91 3.70 -4.06 -0.68
N SER B 91 3.60 -4.14 -0.60
CA SER B 91 3.51 -3.99 0.77
CA SER B 91 3.44 -4.08 0.85
C SER B 91 3.69 -2.58 1.24
C SER B 91 3.75 -2.67 1.35
N PHE B 92 2.85 -2.13 2.17
CA PHE B 92 2.92 -0.74 2.58
C PHE B 92 2.87 -0.59 4.10
N PRO B 93 3.50 0.48 4.63
CA PRO B 93 3.44 0.75 6.07
C PRO B 93 2.14 1.48 6.41
N VAL B 94 1.08 0.72 6.62
CA VAL B 94 -0.26 1.25 6.85
C VAL B 94 -0.53 1.34 8.36
N ARG B 95 -1.77 1.17 8.78
CA ARG B 95 -2.11 1.39 10.19
C ARG B 95 -1.31 0.50 11.12
N ARG B 96 -0.80 1.08 12.20
CA ARG B 96 -0.24 0.31 13.31
C ARG B 96 0.94 -0.55 12.89
N THR B 97 1.76 -0.04 12.01
CA THR B 97 3.00 -0.69 11.60
C THR B 97 4.20 -0.11 12.32
N SER B 98 5.29 -0.84 12.30
CA SER B 98 6.58 -0.33 12.74
C SER B 98 6.99 0.83 11.88
N PRO B 99 7.70 1.81 12.46
CA PRO B 99 8.24 2.91 11.66
C PRO B 99 9.58 2.58 11.01
N ARG B 100 10.10 1.38 11.24
CA ARG B 100 11.42 1.05 10.73
C ARG B 100 11.45 0.93 9.21
N ILE B 101 12.62 1.24 8.67
CA ILE B 101 12.85 1.17 7.23
C ILE B 101 13.47 -0.20 6.92
N PRO B 102 12.85 -0.98 6.03
CA PRO B 102 13.46 -2.25 5.61
C PRO B 102 14.77 -2.05 4.89
N THR B 103 15.53 -3.12 4.72
CA THR B 103 16.80 -3.01 4.03
C THR B 103 16.74 -3.50 2.60
N ASP B 104 15.77 -4.36 2.28
N ASP B 104 15.81 -4.36 2.24
CA ASP B 104 15.66 -5.00 0.97
CA ASP B 104 15.81 -4.88 0.89
C ASP B 104 14.92 -4.09 -0.03
C ASP B 104 14.92 -4.09 -0.04
N ILE B 105 15.00 -4.41 -1.32
CA ILE B 105 14.27 -3.61 -2.30
C ILE B 105 12.76 -3.79 -2.19
N GLU B 106 12.34 -5.00 -1.86
N GLU B 106 12.23 -4.99 -1.92
CA GLU B 106 10.93 -5.32 -1.76
CA GLU B 106 10.76 -5.09 -1.86
C GLU B 106 10.25 -4.50 -0.65
C GLU B 106 10.25 -4.29 -0.65
N GLY B 107 10.91 -4.39 0.49
CA GLY B 107 10.46 -3.62 1.62
C GLY B 107 10.61 -2.12 1.41
N GLN B 108 11.75 -1.71 0.84
CA GLN B 108 11.97 -0.29 0.63
C GLN B 108 11.04 0.32 -0.39
N ILE B 109 10.74 -0.38 -1.47
CA ILE B 109 9.88 0.22 -2.47
C ILE B 109 8.50 0.53 -1.88
N GLY B 110 8.00 -0.36 -1.03
CA GLY B 110 6.78 -0.06 -0.30
C GLY B 110 6.90 1.03 0.73
N TYR B 111 8.00 1.01 1.47
CA TYR B 111 8.21 2.04 2.46
C TYR B 111 8.14 3.43 1.84
N TYR B 112 8.69 3.57 0.65
CA TYR B 112 8.81 4.84 -0.05
C TYR B 112 7.71 5.10 -1.09
N CYS B 113 6.58 4.40 -1.01
CA CYS B 113 5.50 4.54 -1.97
C CYS B 113 4.16 4.77 -1.30
N ASN B 114 3.32 5.60 -1.91
CA ASN B 114 1.95 5.85 -1.44
C ASN B 114 0.89 5.27 -2.37
N ALA B 115 1.29 4.73 -3.52
CA ALA B 115 0.36 4.39 -4.59
C ALA B 115 1.00 3.45 -5.58
N ALA B 116 0.47 2.22 -5.66
CA ALA B 116 1.08 1.13 -6.40
C ALA B 116 0.83 1.15 -7.91
N GLU B 117 -0.01 2.04 -8.39
CA GLU B 117 -0.24 2.05 -9.83
C GLU B 117 1.00 2.52 -10.59
N THR B 118 1.90 3.19 -9.90
CA THR B 118 3.08 3.83 -10.46
C THR B 118 4.28 2.89 -10.37
N ALA B 119 4.71 2.42 -11.53
CA ALA B 119 5.88 1.55 -11.65
C ALA B 119 7.13 2.37 -11.86
N ILE B 120 8.23 1.98 -11.22
CA ILE B 120 9.54 2.54 -11.55
C ILE B 120 10.12 1.70 -12.68
N SER B 121 10.67 2.40 -13.67
CA SER B 121 11.21 1.80 -14.88
C SER B 121 12.58 2.41 -15.16
N PRO B 122 13.37 1.77 -16.01
CA PRO B 122 14.71 2.32 -16.31
C PRO B 122 14.58 3.71 -16.91
N GLY B 123 15.39 4.64 -16.40
CA GLY B 123 15.32 6.01 -16.87
C GLY B 123 14.43 6.92 -16.02
N THR B 124 13.65 6.35 -15.12
CA THR B 124 12.73 7.15 -14.32
C THR B 124 13.43 8.23 -13.49
N TRP B 125 14.50 7.86 -12.80
CA TRP B 125 15.24 8.79 -11.96
C TRP B 125 15.79 9.94 -12.82
N GLU B 126 16.43 9.57 -13.92
N GLU B 126 16.46 9.61 -13.92
CA GLU B 126 17.01 10.54 -14.83
CA GLU B 126 17.02 10.66 -14.78
C GLU B 126 15.94 11.50 -15.39
C GLU B 126 15.89 11.56 -15.31
N ALA B 127 14.78 10.97 -15.74
CA ALA B 127 13.67 11.77 -16.23
C ALA B 127 13.16 12.70 -15.14
N ALA B 128 12.99 12.17 -13.93
CA ALA B 128 12.52 12.98 -12.82
C ALA B 128 13.47 14.14 -12.50
N LEU B 129 14.78 13.91 -12.57
CA LEU B 129 15.74 14.99 -12.39
C LEU B 129 15.62 16.07 -13.46
N SER B 130 15.37 15.67 -14.71
CA SER B 130 15.20 16.65 -15.78
C SER B 130 13.96 17.49 -15.58
N SER B 131 12.91 16.85 -15.06
CA SER B 131 11.65 17.52 -14.81
C SER B 131 11.80 18.53 -13.68
N MET B 132 12.51 18.11 -12.65
CA MET B 132 12.85 19.00 -11.54
C MET B 132 13.64 20.21 -12.08
N ALA B 133 14.59 19.94 -12.96
CA ALA B 133 15.40 21.02 -13.52
C ALA B 133 14.54 22.03 -14.28
N SER B 134 13.54 21.57 -15.02
CA SER B 134 12.65 22.50 -15.70
C SER B 134 11.93 23.40 -14.70
N ALA B 135 11.48 22.83 -13.58
CA ALA B 135 10.84 23.62 -12.53
C ALA B 135 11.79 24.62 -11.89
N ILE B 136 13.03 24.21 -11.63
CA ILE B 136 14.01 25.11 -11.04
C ILE B 136 14.31 26.27 -11.98
N ASP B 137 14.53 25.99 -13.26
CA ASP B 137 14.84 27.07 -14.18
C ASP B 137 13.65 28.01 -14.33
N GLY B 138 12.44 27.49 -14.31
CA GLY B 138 11.28 28.35 -14.33
C GLY B 138 11.22 29.25 -13.12
N ALA B 139 11.46 28.68 -11.94
CA ALA B 139 11.49 29.45 -10.72
C ALA B 139 12.56 30.56 -10.82
N ASP B 140 13.73 30.22 -11.34
CA ASP B 140 14.78 31.22 -11.45
C ASP B 140 14.36 32.38 -12.35
N LEU B 141 13.57 32.12 -13.39
CA LEU B 141 13.08 33.21 -14.22
C LEU B 141 12.19 34.14 -13.42
N ILE B 142 11.30 33.56 -12.62
CA ILE B 142 10.42 34.38 -11.80
C ILE B 142 11.24 35.16 -10.77
N ALA B 143 12.22 34.50 -10.15
CA ALA B 143 13.08 35.16 -9.18
C ALA B 143 13.82 36.34 -9.77
N ALA B 144 14.14 36.27 -11.06
CA ALA B 144 14.89 37.31 -11.76
C ALA B 144 13.98 38.38 -12.31
N GLY B 145 12.67 38.26 -12.15
CA GLY B 145 11.76 39.33 -12.51
C GLY B 145 10.67 39.07 -13.53
N HIS B 146 10.67 37.90 -14.17
CA HIS B 146 9.59 37.57 -15.10
C HIS B 146 8.30 37.44 -14.32
N LYS B 147 7.20 37.87 -14.93
CA LYS B 147 5.90 37.73 -14.28
C LYS B 147 5.16 36.43 -14.63
N ALA B 148 5.66 35.70 -15.62
CA ALA B 148 5.08 34.40 -15.97
C ALA B 148 6.14 33.58 -16.65
N ALA B 149 6.06 32.27 -16.43
CA ALA B 149 6.85 31.27 -17.14
C ALA B 149 6.11 29.95 -17.04
N PHE B 150 6.41 29.02 -17.95
CA PHE B 150 5.81 27.68 -17.96
C PHE B 150 6.91 26.63 -17.96
N SER B 151 6.91 25.80 -16.92
CA SER B 151 7.78 24.65 -16.82
C SER B 151 7.00 23.42 -17.25
N LEU B 152 7.34 22.88 -18.43
CA LEU B 152 6.64 21.73 -19.00
C LEU B 152 7.27 20.47 -18.38
N CYS B 153 6.91 20.23 -17.13
CA CYS B 153 7.37 19.10 -16.36
C CYS B 153 6.72 17.81 -16.80
N ARG B 154 7.54 16.78 -16.96
CA ARG B 154 7.12 15.40 -17.08
C ARG B 154 8.34 14.56 -16.68
N PRO B 155 8.18 13.64 -15.71
CA PRO B 155 6.95 13.30 -14.97
C PRO B 155 6.47 14.43 -14.09
N PRO B 156 5.18 14.37 -13.75
CA PRO B 156 4.56 15.32 -12.82
C PRO B 156 5.07 15.11 -11.40
N GLY B 157 4.64 15.97 -10.48
CA GLY B 157 5.20 15.99 -9.16
C GLY B 157 4.26 15.99 -7.98
N HIS B 158 3.00 16.37 -8.11
CA HIS B 158 2.28 16.80 -6.90
C HIS B 158 1.86 15.70 -5.94
N HIS B 159 1.96 14.43 -6.34
CA HIS B 159 1.71 13.31 -5.42
C HIS B 159 2.94 12.85 -4.66
N ALA B 160 4.12 13.36 -5.01
CA ALA B 160 5.35 12.98 -4.32
C ALA B 160 5.43 13.79 -3.03
N GLY B 161 5.40 13.09 -1.91
CA GLY B 161 5.48 13.70 -0.60
C GLY B 161 6.90 13.72 -0.08
N ILE B 162 7.06 14.02 1.20
CA ILE B 162 8.42 14.19 1.72
C ILE B 162 9.28 12.97 1.37
N ASP B 163 8.71 11.79 1.58
CA ASP B 163 9.44 10.54 1.41
C ASP B 163 8.61 9.45 0.75
N MET B 164 7.77 9.82 -0.22
N MET B 164 7.76 9.82 -0.20
N MET B 164 7.79 9.85 -0.22
CA MET B 164 7.05 8.81 -0.94
CA MET B 164 7.05 8.81 -0.96
CA MET B 164 6.97 8.89 -0.95
C MET B 164 6.69 9.25 -2.36
C MET B 164 6.70 9.25 -2.36
C MET B 164 6.78 9.29 -2.40
N PHE B 165 6.79 8.28 -3.28
CA PHE B 165 6.38 8.44 -4.69
C PHE B 165 5.01 7.80 -4.90
N GLY B 166 4.34 8.21 -5.98
CA GLY B 166 3.06 7.66 -6.32
C GLY B 166 2.31 8.61 -7.23
N GLY B 167 1.18 8.17 -7.76
CA GLY B 167 0.39 9.00 -8.64
C GLY B 167 1.16 9.57 -9.82
N TYR B 168 2.11 8.76 -10.33
CA TYR B 168 2.89 9.07 -11.53
C TYR B 168 4.03 10.04 -11.24
N CYS B 169 4.25 10.33 -9.95
CA CYS B 169 5.15 11.38 -9.48
C CYS B 169 6.29 10.84 -8.62
N PHE B 170 7.47 11.49 -8.74
CA PHE B 170 8.67 11.07 -8.01
C PHE B 170 9.35 12.22 -7.27
N ILE B 171 9.52 13.35 -7.94
CA ILE B 171 10.06 14.54 -7.33
C ILE B 171 8.98 15.60 -7.45
N ASN B 172 8.71 16.30 -6.35
CA ASN B 172 7.62 17.26 -6.34
C ASN B 172 8.13 18.58 -6.93
N ASN B 173 7.99 18.66 -8.26
CA ASN B 173 8.52 19.80 -9.00
C ASN B 173 8.02 21.14 -8.49
N ALA B 174 6.72 21.23 -8.22
CA ALA B 174 6.16 22.48 -7.71
C ALA B 174 6.74 22.85 -6.35
N ALA B 175 6.91 21.85 -5.47
CA ALA B 175 7.52 22.12 -4.17
C ALA B 175 8.97 22.60 -4.32
N VAL B 176 9.71 21.98 -5.24
CA VAL B 176 11.08 22.38 -5.48
C VAL B 176 11.11 23.83 -6.00
N ALA B 177 10.19 24.16 -6.90
CA ALA B 177 10.13 25.53 -7.42
C ALA B 177 9.83 26.53 -6.31
N ALA B 178 8.87 26.21 -5.45
CA ALA B 178 8.56 27.09 -4.35
C ALA B 178 9.77 27.30 -3.46
N GLN B 179 10.45 26.20 -3.13
CA GLN B 179 11.67 26.30 -2.34
C GLN B 179 12.73 27.15 -3.02
N ARG B 180 12.88 26.99 -4.32
CA ARG B 180 13.83 27.77 -5.07
C ARG B 180 13.53 29.25 -4.95
N LEU B 181 12.27 29.63 -5.02
CA LEU B 181 11.88 31.03 -4.89
C LEU B 181 12.20 31.56 -3.51
N LEU B 182 11.97 30.76 -2.47
CA LEU B 182 12.38 31.17 -1.11
C LEU B 182 13.89 31.36 -1.05
N ASP B 183 14.63 30.40 -1.60
CA ASP B 183 16.09 30.46 -1.55
C ASP B 183 16.64 31.67 -2.30
N LYS B 184 15.95 32.14 -3.33
CA LYS B 184 16.35 33.30 -4.10
C LYS B 184 15.90 34.60 -3.45
N GLY B 185 15.19 34.51 -2.33
CA GLY B 185 14.91 35.70 -1.53
C GLY B 185 13.47 35.95 -1.14
N ALA B 186 12.52 35.19 -1.66
CA ALA B 186 11.13 35.36 -1.23
C ALA B 186 10.99 34.90 0.20
N LYS B 187 10.07 35.53 0.92
CA LYS B 187 9.73 35.09 2.27
C LYS B 187 8.45 34.27 2.32
N LYS B 188 7.51 34.55 1.41
CA LYS B 188 6.22 33.89 1.37
C LYS B 188 5.89 33.56 -0.08
N ILE B 189 5.50 32.31 -0.32
CA ILE B 189 5.15 31.81 -1.63
C ILE B 189 3.87 31.00 -1.47
N ALA B 190 3.06 30.90 -2.53
CA ALA B 190 1.91 30.00 -2.53
C ALA B 190 2.05 29.02 -3.67
N ILE B 191 1.54 27.82 -3.44
CA ILE B 191 1.30 26.83 -4.49
C ILE B 191 -0.20 26.66 -4.61
N LEU B 192 -0.71 26.84 -5.83
CA LEU B 192 -2.13 26.71 -6.15
C LEU B 192 -2.26 25.51 -7.11
N ASP B 193 -2.89 24.44 -6.61
CA ASP B 193 -2.94 23.18 -7.35
C ASP B 193 -4.32 23.01 -7.95
N VAL B 194 -4.39 23.20 -9.27
CA VAL B 194 -5.65 23.16 -10.00
C VAL B 194 -5.85 21.86 -10.81
N ASP B 195 -4.90 20.94 -10.70
CA ASP B 195 -5.07 19.59 -11.21
C ASP B 195 -6.31 18.96 -10.57
N PHE B 196 -7.01 18.08 -11.27
CA PHE B 196 -8.18 17.44 -10.71
C PHE B 196 -7.91 16.73 -9.37
N HIS B 197 -6.72 16.14 -9.21
CA HIS B 197 -6.41 15.36 -8.04
C HIS B 197 -5.79 16.23 -6.96
N HIS B 198 -6.06 15.89 -5.70
CA HIS B 198 -5.43 16.58 -4.58
C HIS B 198 -3.91 16.44 -4.65
N GLY B 199 -3.19 17.54 -4.48
CA GLY B 199 -1.74 17.51 -4.36
C GLY B 199 -1.28 17.06 -3.00
N ASN B 200 -1.55 15.81 -2.66
CA ASN B 200 -1.22 15.31 -1.33
C ASN B 200 0.26 15.35 -1.03
N GLY B 201 1.10 15.16 -2.05
CA GLY B 201 2.52 15.24 -1.84
C GLY B 201 2.92 16.65 -1.45
N THR B 202 2.42 17.62 -2.20
CA THR B 202 2.73 19.02 -1.92
C THR B 202 2.23 19.38 -0.53
N GLN B 203 1.00 18.98 -0.21
CA GLN B 203 0.45 19.29 1.10
C GLN B 203 1.38 18.74 2.18
N ASP B 204 1.79 17.50 2.04
CA ASP B 204 2.66 16.83 3.00
C ASP B 204 3.94 17.62 3.21
N ILE B 205 4.58 18.03 2.13
CA ILE B 205 5.86 18.75 2.21
C ILE B 205 5.73 20.00 3.04
N PHE B 206 4.63 20.76 2.85
CA PHE B 206 4.50 22.07 3.49
C PHE B 206 3.53 22.09 4.66
N TYR B 207 3.05 20.94 5.12
CA TYR B 207 1.94 20.96 6.07
C TYR B 207 2.31 21.64 7.38
N GLU B 208 3.58 21.46 7.81
CA GLU B 208 4.09 22.02 9.05
C GLU B 208 4.99 23.23 8.80
N ARG B 209 4.83 23.88 7.65
CA ARG B 209 5.59 25.06 7.27
C ARG B 209 4.66 26.24 7.07
N GLY B 210 5.11 27.41 7.52
CA GLY B 210 4.36 28.64 7.35
C GLY B 210 4.82 29.56 6.25
N ASP B 211 5.85 29.16 5.49
CA ASP B 211 6.42 29.97 4.44
C ASP B 211 5.80 29.74 3.07
N VAL B 212 5.12 28.61 2.90
CA VAL B 212 4.47 28.26 1.63
C VAL B 212 3.03 27.92 1.94
N PHE B 213 2.11 28.73 1.40
CA PHE B 213 0.68 28.47 1.49
C PHE B 213 0.32 27.45 0.42
N PHE B 214 -0.42 26.41 0.78
CA PHE B 214 -0.87 25.42 -0.21
C PHE B 214 -2.37 25.44 -0.35
N ALA B 215 -2.86 25.66 -1.58
CA ALA B 215 -4.27 25.59 -1.85
C ALA B 215 -4.47 24.57 -2.96
N SER B 216 -5.51 23.74 -2.83
CA SER B 216 -5.83 22.75 -3.86
C SER B 216 -7.32 22.68 -4.08
N LEU B 217 -7.71 22.63 -5.36
CA LEU B 217 -9.07 22.37 -5.78
C LEU B 217 -9.03 20.97 -6.39
N HIS B 218 -9.98 20.09 -6.07
CA HIS B 218 -9.80 18.70 -6.50
C HIS B 218 -11.07 17.90 -6.30
N GLY B 219 -11.13 16.76 -6.96
CA GLY B 219 -12.15 15.80 -6.66
C GLY B 219 -12.08 15.34 -5.20
N ASP B 220 -13.25 15.23 -4.58
CA ASP B 220 -13.36 14.87 -3.18
C ASP B 220 -12.62 13.55 -2.92
N PRO B 221 -11.70 13.52 -1.95
CA PRO B 221 -10.93 12.29 -1.77
C PRO B 221 -11.80 11.12 -1.30
N ALA B 222 -12.98 11.39 -0.78
CA ALA B 222 -13.88 10.29 -0.48
C ALA B 222 -14.19 9.44 -1.70
N GLU B 223 -14.12 10.03 -2.89
N GLU B 223 -14.07 10.02 -2.88
CA GLU B 223 -14.41 9.33 -4.15
CA GLU B 223 -14.38 9.29 -4.11
C GLU B 223 -13.35 9.45 -5.25
C GLU B 223 -13.40 9.58 -5.26
N ALA B 224 -12.17 9.96 -4.93
CA ALA B 224 -11.14 10.21 -5.93
C ALA B 224 -9.75 9.98 -5.36
N PHE B 225 -8.88 9.46 -6.21
CA PHE B 225 -7.46 9.43 -5.96
C PHE B 225 -7.04 10.85 -5.57
N PRO B 226 -6.20 11.03 -4.54
CA PRO B 226 -5.40 10.04 -3.82
C PRO B 226 -6.08 9.36 -2.62
N HIS B 227 -7.34 9.64 -2.38
N HIS B 227 -7.33 9.73 -2.37
CA HIS B 227 -8.17 8.90 -1.42
CA HIS B 227 -8.22 9.11 -1.39
C HIS B 227 -7.92 9.16 0.06
C HIS B 227 -7.98 9.45 0.08
N PHE B 228 -6.71 9.60 0.46
CA PHE B 228 -6.34 9.63 1.88
C PHE B 228 -5.81 10.97 2.37
N LEU B 229 -6.09 12.02 1.61
CA LEU B 229 -5.77 13.39 2.01
C LEU B 229 -6.59 14.30 1.11
N GLY B 230 -6.79 15.55 1.51
CA GLY B 230 -7.49 16.50 0.68
C GLY B 230 -8.82 16.94 1.24
N TYR B 231 -9.14 16.53 2.46
CA TYR B 231 -10.37 16.98 3.11
C TYR B 231 -10.25 18.45 3.54
N ALA B 232 -11.38 19.15 3.54
CA ALA B 232 -11.40 20.55 3.89
C ALA B 232 -10.93 20.83 5.31
N GLU B 233 -11.07 19.85 6.20
CA GLU B 233 -10.67 20.05 7.58
C GLU B 233 -9.16 20.17 7.76
N GLU B 234 -8.37 19.82 6.75
CA GLU B 234 -6.92 19.81 6.88
C GLU B 234 -6.40 21.20 6.61
N THR B 235 -6.11 21.95 7.67
CA THR B 235 -5.74 23.35 7.52
C THR B 235 -4.31 23.65 7.92
N GLY B 236 -3.57 22.63 8.40
CA GLY B 236 -2.18 22.79 8.78
C GLY B 236 -1.91 22.41 10.21
N LYS B 237 -0.63 22.30 10.51
CA LYS B 237 -0.16 21.88 11.83
C LYS B 237 1.08 22.66 12.21
N GLY B 238 1.25 22.96 13.51
CA GLY B 238 2.46 23.62 13.97
C GLY B 238 2.66 24.94 13.25
N ALA B 239 3.85 25.19 12.71
CA ALA B 239 4.13 26.42 11.98
C ALA B 239 3.23 26.60 10.76
N GLY B 240 2.68 25.49 10.27
CA GLY B 240 1.79 25.53 9.13
C GLY B 240 0.34 25.79 9.45
N ALA B 241 0.02 26.13 10.70
CA ALA B 241 -1.37 26.36 11.06
C ALA B 241 -1.97 27.43 10.14
N GLY B 242 -3.11 27.10 9.54
CA GLY B 242 -3.82 28.03 8.70
C GLY B 242 -3.30 28.25 7.32
N THR B 243 -2.34 27.46 6.85
CA THR B 243 -1.78 27.70 5.52
C THR B 243 -1.89 26.50 4.58
N THR B 244 -2.86 25.62 4.84
CA THR B 244 -3.35 24.66 3.86
C THR B 244 -4.84 24.93 3.67
N ALA B 245 -5.28 24.98 2.41
CA ALA B 245 -6.68 25.24 2.08
C ALA B 245 -7.10 24.27 0.97
N ASN B 246 -7.92 23.29 1.33
CA ASN B 246 -8.44 22.29 0.40
C ASN B 246 -9.88 22.58 0.04
N TYR B 247 -10.17 22.40 -1.25
CA TYR B 247 -11.49 22.63 -1.83
C TYR B 247 -11.95 21.38 -2.59
N PRO B 248 -12.37 20.35 -1.83
CA PRO B 248 -12.91 19.15 -2.47
C PRO B 248 -14.25 19.41 -3.13
N MET B 249 -14.46 18.84 -4.30
CA MET B 249 -15.68 19.04 -5.08
C MET B 249 -16.12 17.72 -5.70
N GLY B 250 -17.39 17.64 -6.06
CA GLY B 250 -18.01 16.40 -6.45
C GLY B 250 -18.10 16.10 -7.93
N ARG B 251 -18.82 15.02 -8.25
CA ARG B 251 -18.92 14.54 -9.60
C ARG B 251 -19.65 15.56 -10.47
N GLY B 252 -19.13 15.77 -11.67
CA GLY B 252 -19.75 16.65 -12.65
C GLY B 252 -19.47 18.11 -12.45
N THR B 253 -18.59 18.50 -11.52
CA THR B 253 -18.43 19.91 -11.21
C THR B 253 -18.04 20.70 -12.46
N PRO B 254 -18.82 21.74 -12.82
CA PRO B 254 -18.50 22.60 -13.97
C PRO B 254 -17.77 23.85 -13.52
N TYR B 255 -17.34 24.68 -14.47
CA TYR B 255 -16.59 25.87 -14.09
C TYR B 255 -17.40 26.83 -13.23
N SER B 256 -18.70 26.89 -13.44
CA SER B 256 -19.48 27.84 -12.66
C SER B 256 -19.31 27.58 -11.18
N VAL B 257 -19.12 26.34 -10.78
CA VAL B 257 -18.87 26.00 -9.38
C VAL B 257 -17.38 26.02 -9.03
N TRP B 258 -16.59 25.38 -9.87
CA TRP B 258 -15.14 25.26 -9.67
C TRP B 258 -14.53 26.66 -9.54
N GLY B 259 -14.95 27.59 -10.39
CA GLY B 259 -14.42 28.93 -10.36
C GLY B 259 -14.72 29.67 -9.07
N GLU B 260 -15.79 29.33 -8.38
CA GLU B 260 -16.06 29.95 -7.08
C GLU B 260 -14.99 29.52 -6.08
N ALA B 261 -14.59 28.26 -6.10
CA ALA B 261 -13.51 27.82 -5.24
C ALA B 261 -12.21 28.49 -5.64
N LEU B 262 -11.99 28.68 -6.93
CA LEU B 262 -10.79 29.38 -7.38
C LEU B 262 -10.73 30.78 -6.78
N THR B 263 -11.83 31.52 -6.89
CA THR B 263 -11.89 32.85 -6.32
C THR B 263 -11.54 32.82 -4.84
N ASP B 264 -12.11 31.88 -4.11
CA ASP B 264 -11.84 31.81 -2.67
C ASP B 264 -10.38 31.50 -2.39
N SER B 265 -9.80 30.56 -3.12
CA SER B 265 -8.42 30.23 -2.90
C SER B 265 -7.52 31.41 -3.15
N LEU B 266 -7.82 32.22 -4.16
CA LEU B 266 -7.00 33.39 -4.46
C LEU B 266 -7.14 34.48 -3.38
N LYS B 267 -8.32 34.60 -2.80
CA LYS B 267 -8.52 35.49 -1.67
C LYS B 267 -7.63 35.07 -0.50
N ARG B 268 -7.58 33.77 -0.21
CA ARG B 268 -6.74 33.25 0.86
C ARG B 268 -5.27 33.48 0.57
N ILE B 269 -4.86 33.28 -0.67
CA ILE B 269 -3.47 33.46 -1.05
C ILE B 269 -3.08 34.94 -0.88
N ALA B 270 -3.96 35.83 -1.30
CA ALA B 270 -3.68 37.24 -1.20
C ALA B 270 -3.58 37.68 0.26
N ALA B 271 -4.44 37.15 1.13
CA ALA B 271 -4.40 37.50 2.55
C ALA B 271 -3.11 36.97 3.20
N PHE B 272 -2.64 35.84 2.73
CA PHE B 272 -1.37 35.27 3.19
C PHE B 272 -0.18 36.13 2.79
N GLY B 273 -0.29 36.82 1.66
CA GLY B 273 0.75 37.70 1.18
C GLY B 273 1.80 37.00 0.33
N ALA B 274 1.41 36.01 -0.47
CA ALA B 274 2.35 35.36 -1.38
C ALA B 274 3.02 36.36 -2.31
N GLU B 275 4.34 36.21 -2.46
CA GLU B 275 5.11 37.06 -3.38
C GLU B 275 5.10 36.53 -4.80
N ALA B 276 4.73 35.26 -4.96
CA ALA B 276 4.57 34.62 -6.26
C ALA B 276 3.71 33.41 -6.02
N ILE B 277 3.10 32.92 -7.09
CA ILE B 277 2.28 31.72 -7.03
C ILE B 277 2.82 30.69 -8.01
N VAL B 278 3.14 29.51 -7.50
CA VAL B 278 3.45 28.36 -8.33
C VAL B 278 2.16 27.63 -8.59
N VAL B 279 1.75 27.56 -9.85
CA VAL B 279 0.50 26.92 -10.23
C VAL B 279 0.80 25.48 -10.65
N SER B 280 0.31 24.52 -9.88
CA SER B 280 0.37 23.11 -10.28
C SER B 280 -0.79 22.89 -11.22
N LEU B 281 -0.47 22.94 -12.51
CA LEU B 281 -1.48 22.89 -13.56
C LEU B 281 -1.64 21.49 -14.09
N GLY B 282 -2.73 20.82 -13.69
CA GLY B 282 -3.20 19.68 -14.45
C GLY B 282 -4.44 20.06 -15.20
N VAL B 283 -4.60 19.48 -16.39
CA VAL B 283 -5.79 19.74 -17.20
C VAL B 283 -6.70 18.49 -17.21
N ASP B 284 -6.52 17.64 -16.21
CA ASP B 284 -7.39 16.50 -16.00
C ASP B 284 -8.74 16.89 -15.42
N THR B 285 -8.95 18.19 -15.19
CA THR B 285 -10.28 18.74 -14.90
C THR B 285 -11.20 18.82 -16.12
N PHE B 286 -10.66 18.50 -17.30
CA PHE B 286 -11.40 18.61 -18.56
C PHE B 286 -12.52 17.58 -18.64
N GLU B 287 -13.61 17.98 -19.28
CA GLU B 287 -14.78 17.12 -19.44
C GLU B 287 -14.53 15.80 -20.17
N GLN B 288 -13.47 15.70 -20.97
N GLN B 288 -13.46 15.70 -20.94
CA GLN B 288 -13.12 14.41 -21.63
CA GLN B 288 -13.13 14.45 -21.62
C GLN B 288 -12.04 13.61 -20.91
C GLN B 288 -11.94 13.73 -20.99
N ASP B 289 -11.52 14.10 -19.79
CA ASP B 289 -10.39 13.41 -19.17
C ASP B 289 -10.80 11.97 -18.81
N PRO B 290 -9.98 10.97 -19.16
CA PRO B 290 -10.41 9.58 -18.97
C PRO B 290 -10.45 9.08 -17.54
N ILE B 291 -9.82 9.77 -16.60
CA ILE B 291 -9.75 9.25 -15.24
C ILE B 291 -10.36 10.18 -14.20
N SER B 292 -11.07 11.21 -14.65
CA SER B 292 -11.49 12.29 -13.77
C SER B 292 -12.92 12.68 -14.00
N PHE B 293 -13.54 13.37 -13.05
CA PHE B 293 -14.98 13.60 -13.07
C PHE B 293 -15.44 15.06 -13.04
N PHE B 294 -14.57 16.00 -13.37
CA PHE B 294 -15.00 17.39 -13.54
C PHE B 294 -15.36 17.67 -15.00
N LYS B 295 -15.99 18.82 -15.22
CA LYS B 295 -16.57 19.13 -16.52
C LYS B 295 -16.14 20.51 -17.03
N LEU B 296 -14.86 20.82 -16.90
CA LEU B 296 -14.35 22.04 -17.50
C LEU B 296 -14.29 21.89 -19.02
N THR B 297 -14.54 23.00 -19.71
CA THR B 297 -14.46 23.04 -21.16
C THR B 297 -13.16 23.73 -21.59
N SER B 298 -12.78 23.60 -22.85
CA SER B 298 -11.54 24.20 -23.28
C SER B 298 -11.52 25.72 -23.05
N PRO B 299 -12.60 26.45 -23.38
CA PRO B 299 -12.59 27.89 -23.11
C PRO B 299 -12.40 28.24 -21.62
N ASP B 300 -12.82 27.36 -20.72
CA ASP B 300 -12.72 27.66 -19.30
C ASP B 300 -11.24 27.84 -18.86
N TYR B 301 -10.30 27.20 -19.55
CA TYR B 301 -8.91 27.32 -19.19
C TYR B 301 -8.38 28.72 -19.42
N ILE B 302 -8.91 29.41 -20.44
CA ILE B 302 -8.52 30.82 -20.62
C ILE B 302 -8.98 31.65 -19.43
N THR B 303 -10.23 31.46 -19.02
CA THR B 303 -10.76 32.15 -17.86
C THR B 303 -9.90 31.88 -16.63
N MET B 304 -9.53 30.63 -16.44
CA MET B 304 -8.75 30.22 -15.29
C MET B 304 -7.40 30.96 -15.25
N GLY B 305 -6.68 30.94 -16.37
CA GLY B 305 -5.40 31.62 -16.44
C GLY B 305 -5.51 33.12 -16.17
N ARG B 306 -6.53 33.74 -16.73
N ARG B 306 -6.53 33.74 -16.74
CA ARG B 306 -6.73 35.17 -16.56
CA ARG B 306 -6.73 35.17 -16.55
C ARG B 306 -7.05 35.51 -15.11
C ARG B 306 -6.98 35.45 -15.08
N THR B 307 -7.87 34.68 -14.46
CA THR B 307 -8.21 34.93 -13.09
C THR B 307 -7.00 34.77 -12.16
N ILE B 308 -6.23 33.72 -12.36
CA ILE B 308 -5.05 33.50 -11.53
C ILE B 308 -4.06 34.65 -11.71
N ALA B 309 -3.86 35.09 -12.95
CA ALA B 309 -2.91 36.17 -13.20
C ALA B 309 -3.37 37.54 -12.72
N ALA B 310 -4.68 37.68 -12.50
N ALA B 310 -4.67 37.73 -12.52
CA ALA B 310 -5.27 38.92 -11.99
CA ALA B 310 -5.25 39.05 -12.36
C ALA B 310 -4.96 39.12 -10.51
C ALA B 310 -4.58 39.98 -11.33
N SER B 311 -4.33 38.13 -9.89
N SER B 311 -4.03 39.39 -10.26
CA SER B 311 -3.71 38.29 -8.57
CA SER B 311 -3.57 40.18 -9.13
C SER B 311 -2.71 39.44 -8.59
C SER B 311 -2.26 40.88 -9.44
N GLY B 312 -2.11 39.66 -9.75
N GLY B 312 -1.51 40.32 -10.39
CA GLY B 312 -1.12 40.69 -9.89
CA GLY B 312 -0.23 40.87 -10.75
C GLY B 312 0.23 40.31 -9.32
C GLY B 312 0.94 40.10 -10.16
N VAL B 313 0.45 39.03 -9.01
N VAL B 313 0.68 39.27 -9.16
CA VAL B 313 1.76 38.55 -8.59
CA VAL B 313 1.76 38.51 -8.54
C VAL B 313 2.31 37.59 -9.62
C VAL B 313 2.30 37.54 -9.58
N PRO B 314 3.64 37.42 -9.64
CA PRO B 314 4.22 36.55 -10.65
C PRO B 314 3.76 35.10 -10.52
N LEU B 315 3.65 34.43 -11.65
CA LEU B 315 3.22 33.04 -11.75
C LEU B 315 4.28 32.17 -12.39
N LEU B 316 4.55 31.03 -11.76
CA LEU B 316 5.21 29.94 -12.45
C LEU B 316 4.19 28.83 -12.64
N VAL B 317 3.91 28.48 -13.90
CA VAL B 317 3.00 27.39 -14.20
C VAL B 317 3.82 26.11 -14.36
N VAL B 318 3.48 25.10 -13.56
CA VAL B 318 4.20 23.83 -13.54
C VAL B 318 3.26 22.72 -13.97
N MET B 319 3.63 21.99 -15.02
CA MET B 319 2.77 20.95 -15.56
C MET B 319 2.62 19.78 -14.61
N GLU B 320 1.37 19.34 -14.46
CA GLU B 320 0.99 18.15 -13.69
C GLU B 320 0.28 17.17 -14.66
N GLY B 321 -0.97 16.78 -14.34
CA GLY B 321 -1.71 15.79 -15.10
C GLY B 321 -2.59 16.32 -16.21
N GLY B 322 -3.46 15.44 -16.72
CA GLY B 322 -4.26 15.69 -17.93
C GLY B 322 -3.92 14.66 -19.00
N TYR B 323 -4.89 13.83 -19.41
CA TYR B 323 -4.61 12.59 -20.14
C TYR B 323 -5.48 12.36 -21.36
N GLY B 324 -5.05 11.42 -22.19
CA GLY B 324 -5.93 10.71 -23.10
C GLY B 324 -6.12 11.31 -24.47
N VAL B 325 -6.34 12.60 -24.53
CA VAL B 325 -6.70 13.25 -25.77
C VAL B 325 -5.74 14.38 -26.11
N PRO B 326 -5.53 14.63 -27.42
CA PRO B 326 -4.59 15.69 -27.79
C PRO B 326 -5.02 17.06 -27.30
N GLU B 327 -6.30 17.24 -26.99
CA GLU B 327 -6.78 18.52 -26.45
C GLU B 327 -6.17 18.88 -25.10
N ILE B 328 -5.47 17.95 -24.44
CA ILE B 328 -4.70 18.36 -23.27
C ILE B 328 -3.79 19.53 -23.63
N GLY B 329 -3.27 19.55 -24.84
CA GLY B 329 -2.38 20.63 -25.25
C GLY B 329 -3.11 21.95 -25.40
N LEU B 330 -4.22 21.94 -26.12
CA LEU B 330 -5.08 23.13 -26.23
C LEU B 330 -5.41 23.67 -24.84
N ASN B 331 -5.73 22.77 -23.92
CA ASN B 331 -6.17 23.21 -22.62
C ASN B 331 -5.04 23.90 -21.86
N VAL B 332 -3.84 23.33 -21.86
CA VAL B 332 -2.69 23.98 -21.27
C VAL B 332 -2.42 25.32 -21.94
N ALA B 333 -2.37 25.33 -23.26
CA ALA B 333 -2.10 26.56 -24.01
C ALA B 333 -3.11 27.64 -23.66
N ASN B 334 -4.36 27.26 -23.47
CA ASN B 334 -5.40 28.20 -23.07
C ASN B 334 -5.14 28.83 -21.72
N VAL B 335 -4.66 28.06 -20.74
CA VAL B 335 -4.29 28.68 -19.47
C VAL B 335 -3.23 29.76 -19.73
N LEU B 336 -2.22 29.42 -20.51
CA LEU B 336 -1.12 30.36 -20.81
C LEU B 336 -1.65 31.58 -21.55
N LYS B 337 -2.62 31.41 -22.46
CA LYS B 337 -3.23 32.55 -23.13
C LYS B 337 -3.93 33.45 -22.12
N GLY B 338 -4.61 32.87 -21.14
CA GLY B 338 -5.27 33.67 -20.12
C GLY B 338 -4.27 34.44 -19.29
N VAL B 339 -3.15 33.80 -18.96
CA VAL B 339 -2.09 34.47 -18.21
C VAL B 339 -1.49 35.62 -19.02
N ALA B 340 -1.22 35.39 -20.30
CA ALA B 340 -0.48 36.34 -21.13
C ALA B 340 -1.33 37.46 -21.70
N GLY B 341 -2.63 37.29 -21.73
CA GLY B 341 -3.52 38.20 -22.41
C GLY B 341 -3.78 39.48 -21.66
ZN ZN C . 4.12 -17.73 5.17
K K D . 5.65 -16.79 11.97
N NH4 E . -1.02 -10.15 23.15
O10 7XA F . 2.38 -16.92 5.29
N9 7XA F . 2.32 -15.83 4.44
C8 7XA F . 2.62 -15.90 3.21
O11 7XA F . 2.95 -16.91 2.67
C7 7XA F . 2.43 -14.60 2.43
C6 7XA F . 3.61 -14.24 1.57
C5 7XA F . 3.25 -13.04 0.72
C4 7XA F . 4.47 -12.62 -0.09
C3 7XA F . 4.15 -11.48 -1.04
C2 7XA F . 5.41 -11.09 -1.79
N1 7XA F . 5.13 -9.93 -2.61
HN9 7XA F . 2.02 -14.95 4.82
H71 7XA F . 2.24 -13.79 3.14
H72 7XA F . 1.54 -14.70 1.80
H62 7XA F . 3.87 -15.09 0.93
H61 7XA F . 4.47 -14.02 2.20
H52 7XA F . 2.43 -13.28 0.05
H51 7XA F . 2.94 -12.21 1.37
H41 7XA F . 4.82 -13.48 -0.67
H42 7XA F . 5.26 -12.33 0.59
H32 7XA F . 3.38 -11.78 -1.74
H31 7XA F . 3.78 -10.62 -0.47
H21 7XA F . 5.74 -11.92 -2.42
H22 7XA F . 6.21 -10.86 -1.08
HN11 7XA F . 5.98 -9.65 -3.13
HN13 7XA F . 4.37 -10.15 -3.29
HN12 7XA F . 4.82 -9.14 -2.02
C1 GOL G . -13.03 -12.45 -12.92
O1 GOL G . -13.16 -13.85 -12.80
C2 GOL G . -11.73 -12.15 -13.63
O2 GOL G . -11.73 -12.71 -14.92
C3 GOL G . -11.55 -10.65 -13.77
O3 GOL G . -10.36 -10.45 -14.48
H11 GOL G . -13.03 -12.00 -11.92
H12 GOL G . -13.87 -12.05 -13.47
HO1 GOL G . -13.97 -14.06 -12.28
H2 GOL G . -10.90 -12.55 -13.04
HO2 GOL G . -12.46 -12.32 -15.45
H31 GOL G . -11.50 -10.18 -12.80
H32 GOL G . -12.38 -10.23 -14.33
HO3 GOL G . -10.53 -9.88 -15.25
ZN ZN H . -4.31 14.77 -11.79
K K I . -5.58 19.89 -7.13
N NH4 J . 1.61 25.25 4.49
O10 7XA K . -2.60 14.31 -11.11
N9 7XA K . -2.54 12.99 -10.71
C8 7XA K . -2.87 11.98 -11.46
O11 7XA K . -3.32 12.14 -12.59
C7 7XA K . -2.69 10.62 -10.79
C6 7XA K . -3.89 9.70 -10.97
C5 7XA K . -3.57 8.33 -10.44
C4 7XA K . -4.83 7.49 -10.47
C3 7XA K . -4.57 6.04 -10.13
C2 7XA K . -5.89 5.30 -10.22
N1 7XA K . -5.76 3.91 -9.80
HN9 7XA K . -2.18 12.79 -9.78
H71 7XA K . -1.81 10.13 -11.21
H72 7XA K . -2.51 10.76 -9.73
H62 7XA K . -4.14 9.64 -12.04
H61 7XA K . -4.75 10.12 -10.45
H52 7XA K . -2.80 7.86 -11.05
H51 7XA K . -3.21 8.40 -9.41
H41 7XA K . -5.56 7.91 -9.76
H42 7XA K . -5.29 7.54 -11.47
H32 7XA K . -3.84 5.62 -10.82
H31 7XA K . -4.17 5.97 -9.11
H21 7XA K . -6.64 5.80 -9.61
H22 7XA K . -6.24 5.32 -11.26
HN11 7XA K . -6.68 3.44 -9.88
HN13 7XA K . -5.07 3.42 -10.39
HN12 7XA K . -5.45 3.88 -8.81
C1 GOL L . 10.62 -5.23 -17.15
O1 GOL L . 9.39 -5.73 -17.62
C2 GOL L . 11.34 -4.64 -18.35
O2 GOL L . 10.40 -4.45 -19.40
C3 GOL L . 11.97 -3.30 -17.99
O3 GOL L . 12.21 -2.62 -19.19
H11 GOL L . 11.22 -6.03 -16.70
H12 GOL L . 10.45 -4.46 -16.39
HO1 GOL L . 8.93 -6.18 -16.87
H2 GOL L . 12.12 -5.33 -18.67
HO2 GOL L . 9.72 -3.82 -19.11
H31 GOL L . 12.92 -3.48 -17.46
H32 GOL L . 11.31 -2.74 -17.35
HO3 GOL L . 11.36 -2.33 -19.56
C1 GOL M . 3.44 -0.82 15.70
O1 GOL M . 2.60 -1.49 16.61
C2 GOL M . 4.64 -0.22 16.41
O2 GOL M . 4.33 -0.03 17.77
C3 GOL M . 5.83 -1.18 16.27
O3 GOL M . 7.06 -0.59 16.65
H11 GOL M . 2.88 -0.02 15.20
H12 GOL M . 3.78 -1.52 14.93
HO1 GOL M . 1.80 -1.80 16.14
H2 GOL M . 4.90 0.73 15.95
HO2 GOL M . 4.11 -0.90 18.18
H31 GOL M . 5.90 -1.51 15.24
H32 GOL M . 5.65 -2.07 16.88
HO3 GOL M . 7.67 -0.57 15.89
#